data_3BEO
#
_entry.id   3BEO
#
_cell.length_a   46.404
_cell.length_b   188.165
_cell.length_c   61.679
_cell.angle_alpha   90.000
_cell.angle_beta   112.220
_cell.angle_gamma   90.000
#
_symmetry.space_group_name_H-M   'P 1 21 1'
#
loop_
_entity.id
_entity.type
_entity.pdbx_description
1 polymer 'UDP-N-acetylglucosamine 2-epimerase'
2 non-polymer URIDINE-DIPHOSPHATE-N-ACETYLGLUCOSAMINE
3 non-polymer "URIDINE-5'-DIPHOSPHATE"
4 water water
#
_entity_poly.entity_id   1
_entity_poly.type   'polypeptide(L)'
_entity_poly.pdbx_seq_one_letter_code
;GPVDMTERLKVMTIFGTRPEAIKMAPLVLELQKHPEKIESIVTVTAQHRQMLDQVLSIFGITPDFDLNIMKDRQTLIDIT
TRGLEGLDKVMKEAKPDIVLVHGDTTTTFIASLAAFYNQIPVGHVEAGLRTWDKYSPYPEEMNRQLTGVMADLHFSPTAK
SATNLQKENKDESRIFITGNTAIDALKTTVKETYSHPVLEKLGNNRLVLMTAHRRENLGEPMRNMFRAIKRLVDKHEDVQ
VVYPVHMNPVVRETANDILGDYGRIHLIEPLDVIDFHNVAARSYLMLTDSGGVQEEAPSLGVPVLVLRDTTERPEGIEAG
TLKLAGTDEETIFSLADELLSDKEAHDKMSKASNPYGDGRASERIVEAILKHFNK
;
_entity_poly.pdbx_strand_id   A,B
#
loop_
_chem_comp.id
_chem_comp.type
_chem_comp.name
_chem_comp.formula
UD1 non-polymer URIDINE-DIPHOSPHATE-N-ACETYLGLUCOSAMINE 'C17 H27 N3 O17 P2'
UDP RNA linking URIDINE-5'-DIPHOSPHATE 'C9 H14 N2 O12 P2'
#
# COMPACT_ATOMS: atom_id res chain seq x y z
N GLY A 1 -43.59 -4.66 5.79
CA GLY A 1 -44.00 -3.28 5.42
C GLY A 1 -43.26 -2.32 6.32
N PRO A 2 -43.47 -2.41 7.67
CA PRO A 2 -42.58 -1.67 8.59
C PRO A 2 -41.12 -2.14 8.53
N VAL A 3 -40.19 -1.22 8.79
CA VAL A 3 -38.79 -1.53 8.74
C VAL A 3 -38.29 -1.90 10.13
N ASP A 4 -37.91 -3.16 10.25
CA ASP A 4 -37.22 -3.56 11.44
C ASP A 4 -35.72 -3.19 11.41
N MET A 5 -35.35 -2.23 12.24
CA MET A 5 -33.98 -1.66 12.27
C MET A 5 -33.00 -2.42 13.18
N THR A 6 -33.42 -3.54 13.74
CA THR A 6 -32.73 -4.12 14.90
C THR A 6 -31.64 -5.15 14.56
N GLU A 7 -31.54 -5.57 13.30
CA GLU A 7 -30.64 -6.65 12.86
C GLU A 7 -30.07 -6.34 11.49
N ARG A 8 -29.17 -5.36 11.46
CA ARG A 8 -28.63 -4.87 10.19
C ARG A 8 -27.10 -4.91 10.17
N LEU A 9 -26.56 -5.17 8.99
CA LEU A 9 -25.14 -5.14 8.70
C LEU A 9 -24.79 -3.68 8.44
N LYS A 10 -23.77 -3.18 9.13
CA LYS A 10 -23.35 -1.78 8.92
C LYS A 10 -22.37 -1.73 7.74
N VAL A 11 -22.76 -1.05 6.68
CA VAL A 11 -21.98 -0.93 5.48
C VAL A 11 -21.62 0.55 5.29
N MET A 12 -20.32 0.87 5.39
CA MET A 12 -19.84 2.26 5.22
C MET A 12 -19.19 2.45 3.87
N THR A 13 -19.79 3.32 3.06
CA THR A 13 -19.26 3.69 1.76
C THR A 13 -18.42 4.91 1.96
N ILE A 14 -17.22 4.89 1.40
CA ILE A 14 -16.30 6.04 1.59
C ILE A 14 -15.77 6.53 0.25
N PHE A 15 -15.81 7.85 0.07
CA PHE A 15 -15.28 8.48 -1.14
C PHE A 15 -15.04 9.99 -0.90
N GLY A 16 -14.48 10.70 -1.87
CA GLY A 16 -14.13 12.08 -1.63
C GLY A 16 -14.06 13.02 -2.81
N THR A 17 -14.33 12.49 -3.99
CA THR A 17 -14.13 13.22 -5.25
C THR A 17 -15.32 13.10 -6.18
N ARG A 18 -15.42 14.03 -7.14
CA ARG A 18 -16.43 13.92 -8.21
C ARG A 18 -16.57 12.53 -8.83
N PRO A 19 -15.47 11.93 -9.37
CA PRO A 19 -15.67 10.67 -10.07
C PRO A 19 -16.10 9.53 -9.17
N GLU A 20 -15.55 9.49 -7.96
CA GLU A 20 -15.97 8.46 -7.01
C GLU A 20 -17.43 8.62 -6.69
N ALA A 21 -17.83 9.86 -6.39
CA ALA A 21 -19.21 10.17 -6.06
C ALA A 21 -20.20 9.75 -7.14
N ILE A 22 -19.88 9.96 -8.41
CA ILE A 22 -20.78 9.55 -9.51
C ILE A 22 -20.92 8.01 -9.60
N LYS A 23 -19.82 7.33 -9.40
CA LYS A 23 -19.75 5.87 -9.52
C LYS A 23 -20.28 5.15 -8.28
N MET A 24 -20.24 5.84 -7.12
CA MET A 24 -20.74 5.29 -5.85
C MET A 24 -22.18 5.65 -5.51
N ALA A 25 -22.68 6.77 -6.04
CA ALA A 25 -24.10 7.15 -5.89
C ALA A 25 -25.12 6.01 -6.18
N PRO A 26 -25.04 5.31 -7.34
CA PRO A 26 -25.92 4.13 -7.61
C PRO A 26 -25.82 3.01 -6.57
N LEU A 27 -24.62 2.78 -6.08
CA LEU A 27 -24.38 1.79 -5.04
C LEU A 27 -25.03 2.19 -3.72
N VAL A 28 -24.86 3.45 -3.31
CA VAL A 28 -25.53 3.99 -2.13
C VAL A 28 -27.04 3.81 -2.26
N LEU A 29 -27.58 4.16 -3.43
CA LEU A 29 -29.04 4.03 -3.69
C LEU A 29 -29.48 2.59 -3.58
N GLU A 30 -28.63 1.69 -4.03
CA GLU A 30 -28.96 0.29 -3.98
C GLU A 30 -28.88 -0.25 -2.57
N LEU A 31 -27.86 0.14 -1.79
CA LEU A 31 -27.79 -0.28 -0.38
C LEU A 31 -29.03 0.13 0.39
N GLN A 32 -29.55 1.31 0.06
CA GLN A 32 -30.70 1.91 0.73
C GLN A 32 -31.99 1.14 0.42
N LYS A 33 -31.97 0.28 -0.61
CA LYS A 33 -33.15 -0.57 -0.94
C LYS A 33 -33.33 -1.79 -0.03
N HIS A 34 -32.42 -1.97 0.92
CA HIS A 34 -32.39 -3.14 1.77
C HIS A 34 -32.33 -2.68 3.23
N PRO A 35 -33.32 -1.88 3.65
CA PRO A 35 -33.26 -1.27 4.96
C PRO A 35 -33.33 -2.20 6.18
N GLU A 36 -33.85 -3.44 6.05
CA GLU A 36 -33.90 -4.37 7.20
C GLU A 36 -32.64 -5.23 7.28
N LYS A 37 -31.86 -5.28 6.17
CA LYS A 37 -30.62 -6.03 6.13
C LYS A 37 -29.38 -5.18 6.33
N ILE A 38 -29.46 -3.92 5.91
CA ILE A 38 -28.29 -3.03 5.85
C ILE A 38 -28.54 -1.65 6.48
N GLU A 39 -27.60 -1.25 7.35
CA GLU A 39 -27.47 0.15 7.81
C GLU A 39 -26.40 0.80 6.93
N SER A 40 -26.83 1.68 6.04
CA SER A 40 -25.94 2.26 5.02
C SER A 40 -25.46 3.57 5.58
N ILE A 41 -24.14 3.69 5.69
CA ILE A 41 -23.50 4.90 6.22
C ILE A 41 -22.60 5.46 5.14
N VAL A 42 -22.76 6.73 4.84
CA VAL A 42 -21.98 7.41 3.83
C VAL A 42 -21.02 8.37 4.50
N THR A 43 -19.77 8.17 4.20
CA THR A 43 -18.67 8.99 4.74
C THR A 43 -17.90 9.60 3.58
N VAL A 44 -17.71 10.93 3.63
CA VAL A 44 -16.88 11.60 2.61
C VAL A 44 -15.69 12.28 3.24
N THR A 45 -14.54 12.13 2.58
CA THR A 45 -13.36 12.85 2.95
C THR A 45 -13.45 14.31 2.51
N ALA A 46 -14.26 14.59 1.50
CA ALA A 46 -14.21 15.89 0.78
C ALA A 46 -12.78 16.31 0.45
N GLN A 47 -12.01 15.37 -0.06
CA GLN A 47 -10.82 15.65 -0.86
C GLN A 47 -11.17 16.70 -1.94
N HIS A 48 -12.33 16.51 -2.55
CA HIS A 48 -12.98 17.59 -3.31
C HIS A 48 -14.07 18.21 -2.46
N ARG A 49 -14.32 19.52 -2.64
CA ARG A 49 -15.41 20.21 -1.96
C ARG A 49 -16.54 20.54 -2.94
N GLN A 50 -16.34 21.57 -3.74
CA GLN A 50 -17.36 22.02 -4.71
C GLN A 50 -17.77 20.93 -5.72
N MET A 51 -16.78 20.25 -6.32
CA MET A 51 -17.06 19.22 -7.33
C MET A 51 -17.68 17.97 -6.73
N LEU A 52 -17.39 17.70 -5.46
CA LEU A 52 -18.07 16.63 -4.77
C LEU A 52 -19.54 16.97 -4.48
N ASP A 53 -19.76 18.16 -3.92
CA ASP A 53 -21.11 18.65 -3.59
C ASP A 53 -22.05 18.69 -4.80
N GLN A 54 -21.49 19.04 -5.95
CA GLN A 54 -22.18 19.01 -7.23
C GLN A 54 -22.82 17.67 -7.51
N VAL A 55 -22.12 16.58 -7.13
CA VAL A 55 -22.59 15.22 -7.41
C VAL A 55 -23.59 14.83 -6.33
N LEU A 56 -23.22 15.02 -5.07
CA LEU A 56 -24.12 14.71 -3.93
C LEU A 56 -25.48 15.36 -4.12
N SER A 57 -25.50 16.60 -4.62
CA SER A 57 -26.78 17.35 -4.80
C SER A 57 -27.70 16.73 -5.88
N ILE A 58 -27.12 16.37 -7.02
CA ILE A 58 -27.86 15.64 -8.08
C ILE A 58 -28.54 14.36 -7.54
N PHE A 59 -27.80 13.54 -6.80
CA PHE A 59 -28.33 12.26 -6.30
C PHE A 59 -29.08 12.37 -4.98
N GLY A 60 -28.96 13.53 -4.33
CA GLY A 60 -29.70 13.81 -3.09
C GLY A 60 -29.13 13.07 -1.90
N ILE A 61 -27.83 12.88 -1.94
CA ILE A 61 -27.14 12.14 -0.89
C ILE A 61 -26.53 13.10 0.11
N THR A 62 -26.98 12.98 1.35
CA THR A 62 -26.40 13.72 2.47
C THR A 62 -25.51 12.76 3.26
N PRO A 63 -24.20 13.02 3.28
CA PRO A 63 -23.30 12.15 4.02
C PRO A 63 -23.60 12.13 5.49
N ASP A 64 -23.39 10.96 6.10
CA ASP A 64 -23.46 10.83 7.55
C ASP A 64 -22.25 11.48 8.24
N PHE A 65 -21.09 11.30 7.64
CA PHE A 65 -19.86 11.97 8.02
C PHE A 65 -19.20 12.74 6.84
N ASP A 66 -18.69 13.95 7.10
CA ASP A 66 -17.99 14.76 6.08
C ASP A 66 -16.73 15.42 6.72
N LEU A 67 -15.53 14.96 6.31
CA LEU A 67 -14.30 15.38 6.98
C LEU A 67 -13.86 16.77 6.46
N ASN A 68 -14.42 17.21 5.33
CA ASN A 68 -14.07 18.54 4.76
C ASN A 68 -12.55 18.79 4.71
N ILE A 69 -11.76 17.85 4.15
CA ILE A 69 -10.31 17.96 4.23
C ILE A 69 -9.73 18.90 3.22
N MET A 70 -10.44 19.20 2.15
CA MET A 70 -9.79 19.94 1.03
C MET A 70 -9.04 21.24 1.46
N LYS A 71 -7.79 21.37 0.99
CA LYS A 71 -6.99 22.59 1.09
C LYS A 71 -6.73 23.12 -0.32
N ASP A 72 -6.47 24.42 -0.43
CA ASP A 72 -6.11 25.00 -1.77
C ASP A 72 -4.76 24.43 -2.22
N ARG A 73 -4.70 23.93 -3.45
CA ARG A 73 -3.43 23.39 -4.02
C ARG A 73 -2.79 22.38 -3.05
N GLN A 74 -3.58 21.38 -2.65
CA GLN A 74 -3.16 20.48 -1.60
C GLN A 74 -2.22 19.47 -2.19
N THR A 75 -1.39 18.91 -1.30
CA THR A 75 -0.41 17.88 -1.64
C THR A 75 -1.01 16.47 -1.41
N LEU A 76 -0.35 15.45 -1.94
CA LEU A 76 -0.77 14.05 -1.70
C LEU A 76 -0.60 13.77 -0.23
N ILE A 77 0.44 14.40 0.38
CA ILE A 77 0.63 14.20 1.84
C ILE A 77 -0.49 14.83 2.68
N ASP A 78 -0.98 16.00 2.27
CA ASP A 78 -2.11 16.70 2.91
C ASP A 78 -3.32 15.74 2.94
N ILE A 79 -3.63 15.17 1.77
CA ILE A 79 -4.83 14.33 1.66
C ILE A 79 -4.61 13.02 2.50
N THR A 80 -3.41 12.46 2.42
CA THR A 80 -3.10 11.20 3.09
C THR A 80 -3.24 11.36 4.60
N THR A 81 -2.66 12.41 5.15
CA THR A 81 -2.64 12.49 6.63
C THR A 81 -4.01 12.97 7.19
N ARG A 82 -4.60 13.97 6.52
CA ARG A 82 -5.91 14.49 6.95
C ARG A 82 -6.99 13.45 6.79
N GLY A 83 -6.96 12.74 5.66
CA GLY A 83 -7.90 11.69 5.42
C GLY A 83 -7.74 10.53 6.41
N LEU A 84 -6.52 10.06 6.59
CA LEU A 84 -6.31 8.95 7.52
C LEU A 84 -6.76 9.29 8.94
N GLU A 85 -6.31 10.43 9.46
CA GLU A 85 -6.68 10.77 10.87
C GLU A 85 -8.19 10.89 11.02
N GLY A 86 -8.86 11.52 10.06
CA GLY A 86 -10.28 11.72 10.17
C GLY A 86 -11.09 10.44 10.02
N LEU A 87 -10.68 9.61 9.07
CA LEU A 87 -11.38 8.35 8.82
C LEU A 87 -11.18 7.39 10.02
N ASP A 88 -10.02 7.45 10.65
CA ASP A 88 -9.80 6.55 11.82
C ASP A 88 -10.80 6.92 12.90
N LYS A 89 -10.99 8.22 13.11
CA LYS A 89 -11.97 8.68 14.08
C LYS A 89 -13.38 8.22 13.72
N VAL A 90 -13.75 8.34 12.43
CA VAL A 90 -15.14 7.98 11.99
C VAL A 90 -15.35 6.48 12.23
N MET A 91 -14.34 5.69 11.92
CA MET A 91 -14.44 4.23 12.03
C MET A 91 -14.53 3.75 13.45
N LYS A 92 -13.84 4.44 14.35
CA LYS A 92 -13.89 4.13 15.79
C LYS A 92 -15.25 4.48 16.40
N GLU A 93 -15.91 5.51 15.84
CA GLU A 93 -17.25 5.97 16.27
C GLU A 93 -18.38 5.08 15.74
N ALA A 94 -18.34 4.78 14.44
CA ALA A 94 -19.44 4.06 13.79
C ALA A 94 -19.30 2.55 13.77
N LYS A 95 -18.06 2.05 13.86
CA LYS A 95 -17.77 0.63 13.91
C LYS A 95 -18.50 -0.19 12.82
N PRO A 96 -18.27 0.15 11.51
CA PRO A 96 -18.95 -0.54 10.44
C PRO A 96 -18.42 -1.97 10.32
N ASP A 97 -19.29 -2.86 9.79
CA ASP A 97 -18.90 -4.21 9.49
C ASP A 97 -18.08 -4.38 8.20
N ILE A 98 -18.22 -3.43 7.26
CA ILE A 98 -17.42 -3.41 6.06
C ILE A 98 -17.33 -2.01 5.55
N VAL A 99 -16.15 -1.65 5.02
CA VAL A 99 -15.93 -0.39 4.34
C VAL A 99 -15.81 -0.64 2.86
N LEU A 100 -16.55 0.16 2.09
CA LEU A 100 -16.53 0.05 0.64
C LEU A 100 -15.80 1.30 0.14
N VAL A 101 -14.77 1.06 -0.69
CA VAL A 101 -13.96 2.14 -1.31
C VAL A 101 -14.01 2.03 -2.83
N HIS A 102 -13.71 3.12 -3.51
CA HIS A 102 -13.89 3.09 -4.96
C HIS A 102 -12.63 3.43 -5.71
N GLY A 103 -12.26 2.57 -6.63
CA GLY A 103 -11.31 2.93 -7.69
C GLY A 103 -9.89 3.21 -7.26
N ASP A 104 -9.46 4.45 -7.43
CA ASP A 104 -8.00 4.73 -7.35
C ASP A 104 -7.54 6.12 -6.92
N THR A 105 -8.38 6.83 -6.15
CA THR A 105 -7.99 8.17 -5.65
C THR A 105 -7.12 7.93 -4.41
N THR A 106 -6.51 8.99 -3.90
CA THR A 106 -5.81 8.92 -2.62
C THR A 106 -6.79 8.66 -1.47
N THR A 107 -8.03 9.17 -1.58
CA THR A 107 -9.10 8.78 -0.64
C THR A 107 -9.32 7.25 -0.56
N THR A 108 -9.38 6.58 -1.71
CA THR A 108 -9.52 5.14 -1.83
C THR A 108 -8.46 4.42 -0.98
N PHE A 109 -7.21 4.83 -1.17
CA PHE A 109 -6.07 4.26 -0.48
C PHE A 109 -6.16 4.51 1.00
N ILE A 110 -6.28 5.76 1.45
CA ILE A 110 -6.30 5.98 2.92
C ILE A 110 -7.57 5.49 3.61
N ALA A 111 -8.67 5.36 2.86
CA ALA A 111 -9.90 4.73 3.39
C ALA A 111 -9.65 3.22 3.67
N SER A 112 -9.04 2.57 2.71
CA SER A 112 -8.59 1.18 2.88
C SER A 112 -7.60 1.01 4.04
N LEU A 113 -6.58 1.87 4.10
CA LEU A 113 -5.61 1.86 5.20
C LEU A 113 -6.29 2.03 6.60
N ALA A 114 -7.17 3.02 6.73
CA ALA A 114 -7.85 3.28 7.97
C ALA A 114 -8.68 2.04 8.38
N ALA A 115 -9.41 1.43 7.42
CA ALA A 115 -10.21 0.21 7.68
C ALA A 115 -9.25 -0.86 8.23
N PHE A 116 -8.10 -1.06 7.60
CA PHE A 116 -7.07 -2.11 7.96
C PHE A 116 -6.53 -1.86 9.34
N TYR A 117 -6.26 -0.57 9.64
CA TYR A 117 -5.86 -0.12 10.96
C TYR A 117 -6.90 -0.29 12.08
N ASN A 118 -8.14 -0.63 11.72
CA ASN A 118 -9.23 -0.92 12.65
C ASN A 118 -9.74 -2.37 12.48
N GLN A 119 -9.02 -3.16 11.70
CA GLN A 119 -9.37 -4.55 11.35
C GLN A 119 -10.79 -4.64 10.87
N ILE A 120 -11.18 -3.76 9.94
CA ILE A 120 -12.50 -3.76 9.27
C ILE A 120 -12.34 -4.22 7.81
N PRO A 121 -13.14 -5.18 7.37
CA PRO A 121 -13.02 -5.66 5.98
C PRO A 121 -13.27 -4.58 4.98
N VAL A 122 -12.62 -4.71 3.82
CA VAL A 122 -12.70 -3.71 2.74
C VAL A 122 -13.16 -4.36 1.45
N GLY A 123 -14.15 -3.72 0.83
CA GLY A 123 -14.65 -4.11 -0.46
C GLY A 123 -14.26 -3.02 -1.44
N HIS A 124 -13.61 -3.43 -2.51
CA HIS A 124 -13.03 -2.52 -3.53
C HIS A 124 -13.91 -2.49 -4.78
N VAL A 125 -14.69 -1.44 -4.90
CA VAL A 125 -15.55 -1.22 -6.05
C VAL A 125 -14.65 -0.66 -7.14
N GLU A 126 -14.74 -1.28 -8.33
CA GLU A 126 -13.88 -0.96 -9.51
C GLU A 126 -12.47 -1.49 -9.27
N ALA A 127 -12.38 -2.80 -9.12
CA ALA A 127 -11.14 -3.44 -8.68
C ALA A 127 -10.32 -3.99 -9.84
N GLY A 128 -9.00 -3.75 -9.86
CA GLY A 128 -8.13 -4.46 -10.79
C GLY A 128 -7.71 -3.80 -12.08
N LEU A 129 -8.00 -2.52 -12.21
CA LEU A 129 -7.57 -1.77 -13.42
C LEU A 129 -6.07 -1.61 -13.34
N ARG A 130 -5.40 -1.78 -14.46
CA ARG A 130 -3.94 -1.61 -14.50
C ARG A 130 -3.42 -1.00 -15.78
N THR A 131 -2.40 -0.14 -15.62
CA THR A 131 -1.44 0.22 -16.69
C THR A 131 -0.01 -0.38 -16.46
N TRP A 132 0.28 -0.91 -15.27
CA TRP A 132 1.56 -1.42 -14.90
C TRP A 132 2.69 -0.37 -14.95
N ASP A 133 2.31 0.90 -14.96
CA ASP A 133 3.26 2.01 -14.98
C ASP A 133 2.94 2.88 -13.78
N LYS A 134 3.77 2.83 -12.74
CA LYS A 134 3.47 3.57 -11.51
C LYS A 134 3.60 5.08 -11.62
N TYR A 135 4.08 5.59 -12.77
CA TYR A 135 4.09 7.02 -13.05
C TYR A 135 3.09 7.47 -14.14
N SER A 136 2.20 6.58 -14.55
CA SER A 136 1.19 6.88 -15.54
C SER A 136 -0.01 5.86 -15.49
N PRO A 137 -1.09 6.22 -14.78
CA PRO A 137 -1.41 7.48 -14.06
C PRO A 137 -0.73 7.52 -12.73
N TYR A 138 -0.31 8.73 -12.35
CA TYR A 138 0.28 9.01 -11.06
C TYR A 138 -0.59 9.96 -10.27
N PRO A 139 -0.91 9.56 -9.02
CA PRO A 139 -0.56 8.29 -8.24
C PRO A 139 -1.62 7.13 -8.26
N GLU A 140 -2.52 7.20 -9.24
CA GLU A 140 -3.71 6.32 -9.29
C GLU A 140 -3.34 4.88 -9.53
N GLU A 141 -2.35 4.58 -10.36
CA GLU A 141 -1.94 3.18 -10.53
C GLU A 141 -1.49 2.56 -9.21
N MET A 142 -0.68 3.32 -8.46
CA MET A 142 -0.25 2.85 -7.16
C MET A 142 -1.43 2.78 -6.20
N ASN A 143 -2.35 3.75 -6.26
CA ASN A 143 -3.49 3.72 -5.29
C ASN A 143 -4.34 2.43 -5.43
N ARG A 144 -4.59 2.03 -6.66
CA ARG A 144 -5.39 0.80 -6.91
C ARG A 144 -4.55 -0.46 -6.62
N GLN A 145 -3.24 -0.42 -6.78
CA GLN A 145 -2.39 -1.57 -6.30
C GLN A 145 -2.35 -1.73 -4.78
N LEU A 146 -2.19 -0.60 -4.11
CA LEU A 146 -2.13 -0.56 -2.65
C LEU A 146 -3.46 -1.05 -2.06
N THR A 147 -4.53 -0.42 -2.54
CA THR A 147 -5.94 -0.83 -2.23
C THR A 147 -6.13 -2.36 -2.52
N GLY A 148 -5.60 -2.84 -3.65
CA GLY A 148 -5.66 -4.27 -4.08
C GLY A 148 -5.17 -5.24 -3.03
N VAL A 149 -4.02 -4.92 -2.44
CA VAL A 149 -3.48 -5.81 -1.38
C VAL A 149 -4.22 -5.76 -0.05
N MET A 150 -4.92 -4.65 0.19
CA MET A 150 -5.76 -4.47 1.40
C MET A 150 -7.18 -5.05 1.30
N ALA A 151 -7.70 -5.16 0.10
CA ALA A 151 -9.14 -5.46 -0.07
C ALA A 151 -9.41 -6.93 0.28
N ASP A 152 -10.59 -7.17 0.91
CA ASP A 152 -11.14 -8.51 1.16
C ASP A 152 -12.06 -9.01 0.03
N LEU A 153 -12.75 -8.09 -0.64
CA LEU A 153 -13.57 -8.41 -1.78
C LEU A 153 -13.23 -7.43 -2.88
N HIS A 154 -13.22 -7.94 -4.10
CA HIS A 154 -12.76 -7.25 -5.33
C HIS A 154 -13.94 -7.24 -6.33
N PHE A 155 -14.51 -6.07 -6.59
CA PHE A 155 -15.61 -5.94 -7.57
C PHE A 155 -15.05 -5.37 -8.85
N SER A 156 -14.64 -6.31 -9.70
CA SER A 156 -14.04 -6.01 -10.99
C SER A 156 -15.12 -5.70 -12.04
N PRO A 157 -14.93 -4.60 -12.76
CA PRO A 157 -15.91 -4.19 -13.78
C PRO A 157 -15.99 -5.14 -15.01
N THR A 158 -14.86 -5.74 -15.33
CA THR A 158 -14.61 -6.53 -16.52
C THR A 158 -13.82 -7.81 -16.27
N ALA A 159 -13.93 -8.73 -17.22
CA ALA A 159 -13.14 -9.93 -17.21
C ALA A 159 -11.65 -9.62 -17.13
N LYS A 160 -11.13 -8.67 -17.92
CA LYS A 160 -9.66 -8.40 -17.89
C LYS A 160 -9.21 -7.92 -16.50
N SER A 161 -9.98 -7.03 -15.87
CA SER A 161 -9.55 -6.53 -14.57
C SER A 161 -9.53 -7.68 -13.55
N ALA A 162 -10.52 -8.59 -13.62
CA ALA A 162 -10.50 -9.82 -12.79
C ALA A 162 -9.24 -10.65 -13.02
N THR A 163 -8.89 -10.83 -14.29
CA THR A 163 -7.68 -11.57 -14.68
C THR A 163 -6.39 -10.89 -14.07
N ASN A 164 -6.35 -9.57 -14.12
CA ASN A 164 -5.21 -8.83 -13.57
C ASN A 164 -5.01 -9.18 -12.13
N LEU A 165 -6.10 -9.27 -11.39
CA LEU A 165 -6.04 -9.59 -9.93
C LEU A 165 -5.62 -11.05 -9.74
N GLN A 166 -6.16 -11.92 -10.59
CA GLN A 166 -5.86 -13.37 -10.53
C GLN A 166 -4.36 -13.55 -10.74
N LYS A 167 -3.79 -12.83 -11.70
CA LYS A 167 -2.36 -12.89 -12.00
C LYS A 167 -1.45 -12.38 -10.85
N GLU A 168 -2.01 -11.52 -9.98
CA GLU A 168 -1.32 -11.04 -8.77
C GLU A 168 -1.55 -11.95 -7.54
N ASN A 169 -2.11 -13.12 -7.76
CA ASN A 169 -2.37 -14.06 -6.69
C ASN A 169 -3.44 -13.67 -5.69
N LYS A 170 -4.40 -12.81 -6.05
CA LYS A 170 -5.53 -12.57 -5.18
C LYS A 170 -6.39 -13.87 -5.13
N ASP A 171 -7.13 -14.02 -4.03
CA ASP A 171 -8.06 -15.14 -3.80
C ASP A 171 -9.20 -15.10 -4.84
N GLU A 172 -9.19 -16.10 -5.71
CA GLU A 172 -10.16 -16.20 -6.81
C GLU A 172 -11.59 -16.16 -6.34
N SER A 173 -11.82 -16.66 -5.13
CA SER A 173 -13.17 -16.73 -4.55
C SER A 173 -13.68 -15.39 -3.95
N ARG A 174 -12.85 -14.39 -4.04
CA ARG A 174 -13.10 -13.00 -3.60
C ARG A 174 -13.16 -12.01 -4.75
N ILE A 175 -13.09 -12.49 -5.98
CA ILE A 175 -13.12 -11.65 -7.16
C ILE A 175 -14.46 -11.86 -7.88
N PHE A 176 -15.16 -10.77 -8.15
CA PHE A 176 -16.46 -10.85 -8.81
C PHE A 176 -16.50 -9.84 -9.95
N ILE A 177 -17.00 -10.28 -11.12
CA ILE A 177 -17.16 -9.40 -12.30
C ILE A 177 -18.58 -8.89 -12.35
N THR A 178 -18.73 -7.58 -12.20
CA THR A 178 -20.04 -6.95 -11.98
C THR A 178 -20.55 -6.00 -13.07
N GLY A 179 -19.65 -5.58 -13.94
CA GLY A 179 -19.85 -4.34 -14.73
C GLY A 179 -19.35 -3.12 -13.95
N ASN A 180 -19.21 -1.99 -14.66
CA ASN A 180 -18.82 -0.77 -13.99
C ASN A 180 -20.07 0.01 -13.58
N THR A 181 -20.13 0.42 -12.31
CA THR A 181 -21.27 1.22 -11.82
C THR A 181 -21.41 2.58 -12.57
N ALA A 182 -20.41 2.99 -13.35
CA ALA A 182 -20.60 4.20 -14.21
C ALA A 182 -21.85 4.11 -15.07
N ILE A 183 -22.12 2.89 -15.51
CA ILE A 183 -23.20 2.65 -16.46
C ILE A 183 -24.54 2.70 -15.68
N ASP A 184 -24.51 2.27 -14.40
CA ASP A 184 -25.68 2.36 -13.53
C ASP A 184 -26.15 3.82 -13.49
N ALA A 185 -25.17 4.75 -13.32
CA ALA A 185 -25.43 6.18 -13.27
C ALA A 185 -25.88 6.73 -14.63
N LEU A 186 -25.10 6.43 -15.66
CA LEU A 186 -25.39 6.89 -17.04
C LEU A 186 -26.83 6.57 -17.50
N LYS A 187 -27.33 5.40 -17.19
CA LYS A 187 -28.66 5.04 -17.67
C LYS A 187 -29.78 5.89 -17.06
N THR A 188 -29.51 6.55 -15.93
CA THR A 188 -30.51 7.43 -15.31
C THR A 188 -30.38 8.92 -15.63
N THR A 189 -29.23 9.34 -16.18
CA THR A 189 -28.97 10.73 -16.45
C THR A 189 -29.30 11.11 -17.89
N VAL A 190 -28.97 10.24 -18.85
CA VAL A 190 -29.16 10.54 -20.29
C VAL A 190 -30.63 10.62 -20.65
N LYS A 191 -30.98 11.62 -21.45
CA LYS A 191 -32.44 11.68 -21.75
C LYS A 191 -32.94 12.31 -23.07
N GLU A 192 -33.96 11.83 -23.78
CA GLU A 192 -34.15 12.18 -25.19
C GLU A 192 -34.34 13.66 -25.38
N THR A 193 -35.12 14.28 -24.50
CA THR A 193 -35.44 15.71 -24.59
C THR A 193 -34.51 16.45 -23.64
N TYR A 194 -33.69 17.33 -24.19
CA TYR A 194 -32.66 18.00 -23.40
C TYR A 194 -32.15 19.20 -24.15
N SER A 195 -31.99 20.34 -23.46
CA SER A 195 -31.20 21.45 -23.99
C SER A 195 -30.31 22.08 -22.93
N HIS A 196 -29.27 22.74 -23.40
CA HIS A 196 -28.31 23.50 -22.59
C HIS A 196 -27.83 24.66 -23.45
N PRO A 197 -27.52 25.82 -22.84
CA PRO A 197 -26.95 26.97 -23.58
C PRO A 197 -25.77 26.64 -24.50
N VAL A 198 -24.82 25.86 -24.01
CA VAL A 198 -23.76 25.30 -24.85
C VAL A 198 -24.28 24.72 -26.17
N LEU A 199 -25.41 24.00 -26.09
CA LEU A 199 -26.01 23.39 -27.25
C LEU A 199 -26.84 24.42 -28.03
N GLU A 200 -27.36 25.46 -27.36
CA GLU A 200 -28.04 26.59 -28.03
C GLU A 200 -27.06 27.36 -28.93
N LYS A 201 -25.92 27.77 -28.38
CA LYS A 201 -24.92 28.58 -29.12
C LYS A 201 -24.11 27.83 -30.19
N LEU A 202 -24.35 26.52 -30.30
CA LEU A 202 -23.69 25.67 -31.27
C LEU A 202 -24.24 25.92 -32.68
N GLY A 203 -25.52 26.27 -32.77
CA GLY A 203 -26.22 26.18 -34.05
C GLY A 203 -26.09 24.75 -34.55
N ASN A 204 -25.76 24.59 -35.83
CA ASN A 204 -25.54 23.25 -36.39
C ASN A 204 -24.06 22.90 -36.57
N ASN A 205 -23.20 23.56 -35.80
CA ASN A 205 -21.78 23.21 -35.76
C ASN A 205 -21.60 21.88 -35.09
N ARG A 206 -20.43 21.27 -35.28
CA ARG A 206 -20.04 20.06 -34.58
C ARG A 206 -19.39 20.41 -33.23
N LEU A 207 -19.80 19.70 -32.18
CA LEU A 207 -19.34 19.99 -30.83
C LEU A 207 -18.15 19.04 -30.51
N VAL A 208 -17.01 19.62 -30.14
CA VAL A 208 -15.92 18.87 -29.57
C VAL A 208 -15.94 19.20 -28.08
N LEU A 209 -16.13 18.17 -27.27
CA LEU A 209 -16.17 18.31 -25.81
C LEU A 209 -14.84 17.83 -25.28
N MET A 210 -14.20 18.67 -24.44
CA MET A 210 -12.88 18.32 -23.86
C MET A 210 -12.84 18.46 -22.34
N THR A 211 -12.05 17.58 -21.71
CA THR A 211 -11.65 17.73 -20.31
C THR A 211 -10.18 17.29 -20.16
N ALA A 212 -9.46 17.92 -19.23
CA ALA A 212 -8.05 17.57 -19.01
C ALA A 212 -7.65 17.94 -17.61
N HIS A 213 -7.13 16.95 -16.86
CA HIS A 213 -6.71 17.16 -15.47
C HIS A 213 -5.71 16.12 -14.87
N ARG A 214 -5.24 15.14 -15.65
CA ARG A 214 -4.36 14.11 -15.09
C ARG A 214 -3.13 14.80 -14.51
N ARG A 215 -2.73 14.32 -13.33
CA ARG A 215 -1.62 14.91 -12.57
C ARG A 215 -0.33 14.92 -13.40
N GLU A 216 -0.07 13.82 -14.09
CA GLU A 216 1.17 13.61 -14.83
C GLU A 216 1.14 14.40 -16.12
N ASN A 217 -0.03 14.94 -16.46
CA ASN A 217 -0.23 15.78 -17.67
C ASN A 217 -0.08 17.28 -17.42
N LEU A 218 0.01 17.65 -16.15
CA LEU A 218 0.12 19.01 -15.75
C LEU A 218 1.38 19.58 -16.36
N GLY A 219 1.28 20.81 -16.84
CA GLY A 219 2.44 21.52 -17.43
C GLY A 219 2.59 21.26 -18.92
N GLU A 220 3.80 20.87 -19.31
CA GLU A 220 4.14 20.64 -20.72
C GLU A 220 3.12 19.79 -21.53
N PRO A 221 2.70 18.63 -21.02
CA PRO A 221 1.75 17.81 -21.79
C PRO A 221 0.43 18.56 -22.08
N MET A 222 -0.16 19.21 -21.08
CA MET A 222 -1.40 19.97 -21.33
C MET A 222 -1.17 21.14 -22.30
N ARG A 223 -0.01 21.79 -22.20
CA ARG A 223 0.28 22.88 -23.16
C ARG A 223 0.27 22.31 -24.58
N ASN A 224 0.83 21.12 -24.76
CA ASN A 224 0.83 20.43 -26.08
C ASN A 224 -0.57 20.13 -26.60
N MET A 225 -1.40 19.59 -25.70
CA MET A 225 -2.81 19.34 -25.97
C MET A 225 -3.53 20.62 -26.43
N PHE A 226 -3.37 21.67 -25.64
CA PHE A 226 -4.14 22.89 -25.85
C PHE A 226 -3.74 23.55 -27.14
N ARG A 227 -2.44 23.57 -27.44
CA ARG A 227 -1.97 24.12 -28.73
C ARG A 227 -2.48 23.33 -29.94
N ALA A 228 -2.56 22.01 -29.82
CA ALA A 228 -3.18 21.19 -30.85
C ALA A 228 -4.66 21.56 -31.01
N ILE A 229 -5.33 21.87 -29.90
CA ILE A 229 -6.77 22.13 -29.96
C ILE A 229 -7.02 23.47 -30.67
N LYS A 230 -6.21 24.49 -30.37
CA LYS A 230 -6.30 25.78 -31.12
C LYS A 230 -6.07 25.62 -32.61
N ARG A 231 -5.15 24.73 -33.01
CA ARG A 231 -4.89 24.47 -34.43
C ARG A 231 -6.01 23.73 -35.15
N LEU A 232 -6.69 22.85 -34.40
CA LEU A 232 -7.87 22.17 -34.92
C LEU A 232 -8.98 23.17 -35.17
N VAL A 233 -9.21 24.05 -34.20
CA VAL A 233 -10.25 25.10 -34.28
C VAL A 233 -9.90 26.05 -35.45
N ASP A 234 -8.62 26.41 -35.60
CA ASP A 234 -8.19 27.25 -36.72
C ASP A 234 -8.53 26.62 -38.08
N LYS A 235 -8.38 25.30 -38.16
CA LYS A 235 -8.57 24.60 -39.42
C LYS A 235 -10.05 24.32 -39.70
N HIS A 236 -10.79 23.93 -38.66
CA HIS A 236 -12.19 23.50 -38.78
C HIS A 236 -13.13 24.59 -38.27
N GLU A 237 -13.68 25.35 -39.22
CA GLU A 237 -14.44 26.55 -38.95
C GLU A 237 -15.83 26.25 -38.39
N ASP A 238 -16.31 25.03 -38.62
CA ASP A 238 -17.63 24.60 -38.16
C ASP A 238 -17.56 23.79 -36.85
N VAL A 239 -16.46 23.92 -36.14
CA VAL A 239 -16.29 23.25 -34.81
C VAL A 239 -16.36 24.25 -33.68
N GLN A 240 -17.01 23.88 -32.57
CA GLN A 240 -16.89 24.63 -31.34
C GLN A 240 -16.41 23.63 -30.28
N VAL A 241 -15.49 24.09 -29.44
CA VAL A 241 -14.91 23.26 -28.37
C VAL A 241 -15.49 23.74 -27.05
N VAL A 242 -16.00 22.85 -26.22
CA VAL A 242 -16.47 23.23 -24.91
C VAL A 242 -15.59 22.50 -23.91
N TYR A 243 -15.07 23.23 -22.93
CA TYR A 243 -14.08 22.69 -21.95
C TYR A 243 -14.59 23.09 -20.57
N PRO A 244 -15.30 22.17 -19.89
CA PRO A 244 -15.62 22.38 -18.48
C PRO A 244 -14.31 22.15 -17.70
N VAL A 245 -13.71 23.25 -17.27
CA VAL A 245 -12.36 23.22 -16.73
C VAL A 245 -12.36 22.77 -15.27
N HIS A 246 -11.59 21.71 -14.99
CA HIS A 246 -11.36 21.21 -13.61
C HIS A 246 -10.95 22.36 -12.64
N MET A 247 -11.33 22.26 -11.36
CA MET A 247 -11.07 23.35 -10.37
C MET A 247 -9.60 23.52 -9.92
N ASN A 248 -8.75 22.54 -10.23
CA ASN A 248 -7.35 22.63 -9.91
C ASN A 248 -6.77 23.96 -10.46
N PRO A 249 -6.29 24.86 -9.58
CA PRO A 249 -5.74 26.18 -10.03
C PRO A 249 -4.65 26.01 -11.08
N VAL A 250 -3.89 24.92 -10.99
CA VAL A 250 -2.85 24.64 -11.99
C VAL A 250 -3.43 24.42 -13.40
N VAL A 251 -4.52 23.67 -13.49
CA VAL A 251 -5.15 23.39 -14.77
C VAL A 251 -5.67 24.72 -15.34
N ARG A 252 -6.28 25.48 -14.44
CA ARG A 252 -6.91 26.76 -14.82
C ARG A 252 -5.92 27.78 -15.35
N GLU A 253 -4.75 27.85 -14.74
CA GLU A 253 -3.66 28.70 -15.27
C GLU A 253 -3.29 28.34 -16.69
N THR A 254 -3.05 27.04 -16.94
CA THR A 254 -2.68 26.54 -18.27
C THR A 254 -3.81 26.77 -19.28
N ALA A 255 -5.04 26.47 -18.88
CA ALA A 255 -6.24 26.65 -19.72
C ALA A 255 -6.39 28.11 -20.11
N ASN A 256 -6.35 29.00 -19.13
CA ASN A 256 -6.50 30.43 -19.40
C ASN A 256 -5.37 30.98 -20.28
N ASP A 257 -4.15 30.55 -19.98
CA ASP A 257 -2.94 31.02 -20.69
C ASP A 257 -3.05 30.71 -22.18
N ILE A 258 -3.35 29.45 -22.51
CA ILE A 258 -3.32 28.97 -23.90
C ILE A 258 -4.66 29.12 -24.65
N LEU A 259 -5.79 28.86 -23.99
CA LEU A 259 -7.13 28.83 -24.63
C LEU A 259 -8.06 29.98 -24.25
N GLY A 260 -7.65 30.83 -23.32
CA GLY A 260 -8.51 31.89 -22.82
C GLY A 260 -8.80 32.91 -23.92
N ASP A 261 -10.05 33.34 -24.02
CA ASP A 261 -10.46 34.32 -25.04
C ASP A 261 -10.24 33.91 -26.52
N TYR A 262 -10.17 32.61 -26.80
CA TYR A 262 -10.00 32.14 -28.18
C TYR A 262 -11.37 31.84 -28.78
N GLY A 263 -11.62 32.36 -29.98
CA GLY A 263 -12.93 32.23 -30.61
C GLY A 263 -13.29 30.79 -30.88
N ARG A 264 -14.56 30.46 -30.63
CA ARG A 264 -15.11 29.09 -30.73
C ARG A 264 -14.49 28.08 -29.76
N ILE A 265 -13.80 28.56 -28.73
CA ILE A 265 -13.42 27.70 -27.58
C ILE A 265 -14.03 28.31 -26.32
N HIS A 266 -14.80 27.50 -25.59
CA HIS A 266 -15.60 27.97 -24.47
C HIS A 266 -15.09 27.30 -23.23
N LEU A 267 -14.39 28.06 -22.41
CA LEU A 267 -13.97 27.57 -21.08
C LEU A 267 -15.09 27.90 -20.10
N ILE A 268 -15.65 26.88 -19.43
CA ILE A 268 -16.78 27.04 -18.57
C ILE A 268 -16.48 26.32 -17.27
N GLU A 269 -17.35 26.54 -16.27
CA GLU A 269 -17.24 25.86 -14.98
C GLU A 269 -17.63 24.40 -15.15
N PRO A 270 -17.16 23.50 -14.25
CA PRO A 270 -17.61 22.12 -14.27
C PRO A 270 -19.12 21.95 -14.36
N LEU A 271 -19.54 21.08 -15.27
CA LEU A 271 -20.98 20.81 -15.47
C LEU A 271 -21.43 19.75 -14.48
N ASP A 272 -22.67 19.85 -14.04
CA ASP A 272 -23.19 18.77 -13.20
C ASP A 272 -23.30 17.50 -14.08
N VAL A 273 -23.45 16.33 -13.46
CA VAL A 273 -23.37 15.08 -14.22
C VAL A 273 -24.53 14.92 -15.23
N ILE A 274 -25.71 15.48 -14.94
CA ILE A 274 -26.82 15.38 -15.93
C ILE A 274 -26.48 16.22 -17.14
N ASP A 275 -26.03 17.45 -16.93
CA ASP A 275 -25.60 18.28 -18.08
C ASP A 275 -24.44 17.67 -18.84
N PHE A 276 -23.41 17.19 -18.12
CA PHE A 276 -22.27 16.65 -18.79
C PHE A 276 -22.61 15.41 -19.62
N HIS A 277 -23.28 14.42 -19.03
CA HIS A 277 -23.65 13.22 -19.79
C HIS A 277 -24.48 13.55 -21.03
N ASN A 278 -25.48 14.40 -20.87
CA ASN A 278 -26.32 14.82 -22.02
C ASN A 278 -25.59 15.63 -23.13
N VAL A 279 -24.65 16.46 -22.75
CA VAL A 279 -23.82 17.22 -23.71
C VAL A 279 -22.84 16.28 -24.42
N ALA A 280 -22.17 15.42 -23.65
CA ALA A 280 -21.34 14.31 -24.17
C ALA A 280 -22.07 13.43 -25.20
N ALA A 281 -23.32 13.10 -24.92
CA ALA A 281 -24.10 12.19 -25.74
C ALA A 281 -24.40 12.84 -27.10
N ARG A 282 -24.37 14.16 -27.09
CA ARG A 282 -24.67 15.00 -28.26
C ARG A 282 -23.44 15.63 -28.94
N SER A 283 -22.25 15.20 -28.51
CA SER A 283 -20.96 15.62 -29.04
C SER A 283 -20.51 14.87 -30.29
N TYR A 284 -19.76 15.55 -31.19
CA TYR A 284 -19.19 14.88 -32.35
C TYR A 284 -17.96 14.04 -31.98
N LEU A 285 -17.14 14.60 -31.10
CA LEU A 285 -15.82 14.03 -30.75
C LEU A 285 -15.52 14.49 -29.33
N MET A 286 -14.96 13.59 -28.51
CA MET A 286 -14.41 14.02 -27.23
C MET A 286 -12.88 13.90 -27.24
N LEU A 287 -12.21 14.87 -26.60
CA LEU A 287 -10.76 14.84 -26.33
C LEU A 287 -10.62 14.87 -24.81
N THR A 288 -10.04 13.83 -24.20
CA THR A 288 -10.04 13.75 -22.72
C THR A 288 -8.88 12.92 -22.17
N ASP A 289 -8.50 13.17 -20.90
CA ASP A 289 -7.65 12.29 -20.11
C ASP A 289 -8.40 11.79 -18.84
N SER A 290 -9.73 11.87 -18.88
CA SER A 290 -10.62 11.41 -17.79
C SER A 290 -10.80 9.91 -17.87
N GLY A 291 -10.84 9.26 -16.71
CA GLY A 291 -11.13 7.82 -16.65
C GLY A 291 -12.60 7.52 -16.93
N GLY A 292 -13.48 8.18 -16.20
CA GLY A 292 -14.91 7.88 -16.35
C GLY A 292 -15.47 8.11 -17.75
N VAL A 293 -14.99 9.16 -18.41
CA VAL A 293 -15.47 9.47 -19.79
C VAL A 293 -15.16 8.28 -20.74
N GLN A 294 -14.00 7.64 -20.53
CA GLN A 294 -13.64 6.46 -21.31
C GLN A 294 -14.62 5.26 -21.18
N GLU A 295 -15.21 5.10 -19.98
CA GLU A 295 -16.26 4.05 -19.74
C GLU A 295 -17.63 4.43 -20.23
N GLU A 296 -17.92 5.73 -20.24
CA GLU A 296 -19.26 6.20 -20.65
C GLU A 296 -19.40 6.32 -22.20
N ALA A 297 -18.33 6.75 -22.85
CA ALA A 297 -18.37 7.07 -24.30
C ALA A 297 -18.87 5.92 -25.16
N PRO A 298 -18.37 4.67 -24.95
CA PRO A 298 -18.81 3.57 -25.81
C PRO A 298 -20.32 3.39 -25.84
N SER A 299 -20.94 3.44 -24.69
CA SER A 299 -22.42 3.39 -24.60
C SER A 299 -23.17 4.50 -25.33
N LEU A 300 -22.52 5.67 -25.51
CA LEU A 300 -23.03 6.83 -26.26
C LEU A 300 -22.65 6.80 -27.76
N GLY A 301 -21.74 5.90 -28.13
CA GLY A 301 -21.24 5.83 -29.51
C GLY A 301 -20.48 7.07 -29.98
N VAL A 302 -19.77 7.75 -29.06
CA VAL A 302 -19.12 9.02 -29.35
C VAL A 302 -17.60 8.79 -29.34
N PRO A 303 -16.93 9.01 -30.50
CA PRO A 303 -15.47 8.84 -30.53
C PRO A 303 -14.73 9.70 -29.50
N VAL A 304 -13.66 9.12 -28.96
CA VAL A 304 -12.83 9.70 -27.94
C VAL A 304 -11.36 9.53 -28.32
N LEU A 305 -10.63 10.64 -28.36
CA LEU A 305 -9.17 10.59 -28.39
C LEU A 305 -8.69 10.73 -26.94
N VAL A 306 -7.99 9.72 -26.46
CA VAL A 306 -7.49 9.71 -25.06
C VAL A 306 -6.09 10.39 -25.06
N LEU A 307 -6.00 11.53 -24.35
CA LEU A 307 -4.78 12.36 -24.33
C LEU A 307 -3.82 11.91 -23.20
N ARG A 308 -3.38 10.66 -23.34
CA ARG A 308 -2.42 10.02 -22.40
C ARG A 308 -1.49 9.06 -23.15
N ASP A 309 -0.35 8.73 -22.51
CA ASP A 309 0.54 7.69 -23.01
C ASP A 309 0.14 6.24 -22.63
N THR A 310 -0.89 6.11 -21.78
CA THR A 310 -1.42 4.84 -21.33
C THR A 310 -2.95 4.93 -21.18
N THR A 311 -3.59 3.78 -21.19
CA THR A 311 -4.94 3.69 -20.60
C THR A 311 -5.17 2.35 -19.91
N GLU A 312 -6.07 2.34 -18.93
CA GLU A 312 -6.48 1.10 -18.24
C GLU A 312 -7.96 0.78 -18.59
N ARG A 313 -8.42 1.31 -19.71
CA ARG A 313 -9.72 1.01 -20.29
C ARG A 313 -9.55 0.33 -21.67
N PRO A 314 -8.86 -0.84 -21.72
CA PRO A 314 -8.59 -1.51 -23.01
C PRO A 314 -9.85 -1.97 -23.72
N GLU A 315 -10.93 -2.16 -22.96
CA GLU A 315 -12.19 -2.66 -23.53
C GLU A 315 -12.84 -1.60 -24.45
N GLY A 316 -12.69 -0.32 -24.09
CA GLY A 316 -13.15 0.79 -24.93
C GLY A 316 -12.32 0.99 -26.17
N ILE A 317 -11.05 0.62 -26.10
CA ILE A 317 -10.17 0.60 -27.29
C ILE A 317 -10.68 -0.50 -28.25
N GLU A 318 -10.89 -1.69 -27.71
CA GLU A 318 -11.39 -2.84 -28.50
C GLU A 318 -12.76 -2.56 -29.09
N ALA A 319 -13.57 -1.77 -28.38
CA ALA A 319 -14.90 -1.38 -28.90
C ALA A 319 -14.78 -0.41 -30.08
N GLY A 320 -13.59 0.16 -30.29
CA GLY A 320 -13.37 1.14 -31.37
C GLY A 320 -13.56 2.59 -30.96
N THR A 321 -14.29 2.81 -29.86
CA THR A 321 -14.68 4.14 -29.42
C THR A 321 -13.50 4.98 -29.00
N LEU A 322 -12.54 4.34 -28.31
CA LEU A 322 -11.37 5.03 -27.72
C LEU A 322 -10.15 4.85 -28.62
N LYS A 323 -9.38 5.92 -28.78
CA LYS A 323 -8.07 5.85 -29.45
C LYS A 323 -7.07 6.58 -28.61
N LEU A 324 -5.94 5.94 -28.28
CA LEU A 324 -4.86 6.58 -27.47
C LEU A 324 -4.10 7.55 -28.35
N ALA A 325 -3.99 8.80 -27.93
CA ALA A 325 -3.40 9.90 -28.71
C ALA A 325 -2.03 10.38 -28.21
N GLY A 326 -1.66 10.00 -27.00
CA GLY A 326 -0.44 10.52 -26.40
C GLY A 326 -0.59 11.96 -26.01
N THR A 327 0.53 12.63 -25.77
CA THR A 327 0.51 14.00 -25.36
C THR A 327 1.39 14.91 -26.23
N ASP A 328 1.78 14.42 -27.41
CA ASP A 328 2.56 15.21 -28.37
C ASP A 328 1.62 16.07 -29.26
N GLU A 329 1.93 17.35 -29.38
CA GLU A 329 1.05 18.28 -30.07
C GLU A 329 0.76 17.79 -31.49
N GLU A 330 1.81 17.48 -32.25
CA GLU A 330 1.64 17.14 -33.67
C GLU A 330 0.79 15.89 -33.85
N THR A 331 0.98 14.92 -32.97
CA THR A 331 0.30 13.63 -33.03
C THR A 331 -1.18 13.75 -32.66
N ILE A 332 -1.46 14.49 -31.60
CA ILE A 332 -2.85 14.83 -31.24
C ILE A 332 -3.55 15.59 -32.38
N PHE A 333 -2.90 16.62 -32.89
CA PHE A 333 -3.46 17.38 -34.00
C PHE A 333 -3.79 16.48 -35.19
N SER A 334 -2.83 15.66 -35.58
CA SER A 334 -2.99 14.77 -36.72
C SER A 334 -4.18 13.83 -36.55
N LEU A 335 -4.23 13.14 -35.41
CA LEU A 335 -5.32 12.21 -35.13
C LEU A 335 -6.71 12.87 -35.08
N ALA A 336 -6.81 14.01 -34.41
CA ALA A 336 -8.04 14.76 -34.29
C ALA A 336 -8.43 15.30 -35.69
N ASP A 337 -7.45 15.73 -36.45
CA ASP A 337 -7.73 16.33 -37.77
C ASP A 337 -8.35 15.28 -38.71
N GLU A 338 -7.80 14.07 -38.67
CA GLU A 338 -8.34 12.96 -39.42
C GLU A 338 -9.79 12.64 -39.04
N LEU A 339 -10.12 12.63 -37.76
CA LEU A 339 -11.50 12.38 -37.38
C LEU A 339 -12.48 13.48 -37.77
N LEU A 340 -11.99 14.72 -37.90
CA LEU A 340 -12.86 15.87 -38.23
C LEU A 340 -12.92 16.08 -39.73
N SER A 341 -12.02 15.40 -40.45
CA SER A 341 -11.89 15.55 -41.91
C SER A 341 -12.36 14.31 -42.68
N ASP A 342 -12.17 13.14 -42.10
CA ASP A 342 -12.45 11.88 -42.77
C ASP A 342 -13.61 11.16 -42.07
N LYS A 343 -14.77 11.11 -42.75
CA LYS A 343 -15.98 10.53 -42.16
C LYS A 343 -15.90 9.03 -41.93
N GLU A 344 -15.12 8.32 -42.75
CA GLU A 344 -14.94 6.87 -42.59
C GLU A 344 -14.11 6.52 -41.35
N ALA A 345 -13.12 7.37 -41.04
CA ALA A 345 -12.31 7.23 -39.83
C ALA A 345 -13.18 7.42 -38.61
N HIS A 346 -14.04 8.44 -38.66
CA HIS A 346 -14.98 8.73 -37.57
C HIS A 346 -16.01 7.58 -37.42
N ASP A 347 -16.54 7.11 -38.54
CA ASP A 347 -17.50 6.00 -38.55
C ASP A 347 -17.00 4.76 -37.80
N LYS A 348 -15.71 4.44 -37.97
CA LYS A 348 -15.10 3.28 -37.30
C LYS A 348 -15.20 3.38 -35.77
N MET A 349 -15.26 4.61 -35.25
CA MET A 349 -15.22 4.86 -33.80
C MET A 349 -16.59 5.12 -33.15
N SER A 350 -17.66 5.22 -33.95
CA SER A 350 -18.95 5.70 -33.48
C SER A 350 -20.05 4.60 -33.34
N LYS A 351 -19.68 3.32 -33.40
CA LYS A 351 -20.64 2.24 -33.15
C LYS A 351 -20.82 2.07 -31.65
N ALA A 352 -22.04 2.24 -31.14
CA ALA A 352 -22.27 2.11 -29.69
C ALA A 352 -22.27 0.64 -29.23
N SER A 353 -21.66 0.41 -28.07
CA SER A 353 -21.67 -0.91 -27.44
C SER A 353 -21.60 -0.68 -25.95
N ASN A 354 -21.68 -1.75 -25.18
CA ASN A 354 -21.68 -1.65 -23.70
C ASN A 354 -20.64 -2.56 -23.09
N PRO A 355 -19.35 -2.28 -23.39
CA PRO A 355 -18.22 -3.10 -22.89
C PRO A 355 -18.07 -3.05 -21.37
N TYR A 356 -18.63 -2.01 -20.74
CA TYR A 356 -18.53 -1.85 -19.28
C TYR A 356 -19.82 -2.25 -18.54
N GLY A 357 -20.70 -2.91 -19.27
CA GLY A 357 -21.82 -3.63 -18.66
C GLY A 357 -23.17 -3.00 -18.91
N ASP A 358 -24.16 -3.54 -18.21
CA ASP A 358 -25.57 -3.24 -18.43
C ASP A 358 -26.23 -2.26 -17.41
N GLY A 359 -25.44 -1.66 -16.53
CA GLY A 359 -25.95 -0.69 -15.59
C GLY A 359 -26.64 -1.34 -14.39
N ARG A 360 -26.37 -2.62 -14.14
CA ARG A 360 -26.90 -3.31 -12.95
C ARG A 360 -25.77 -3.74 -12.01
N ALA A 361 -24.60 -3.09 -12.11
CA ALA A 361 -23.46 -3.51 -11.30
C ALA A 361 -23.77 -3.41 -9.81
N SER A 362 -24.45 -2.35 -9.42
CA SER A 362 -24.69 -2.07 -7.97
C SER A 362 -25.45 -3.21 -7.31
N GLU A 363 -26.49 -3.73 -8.00
CA GLU A 363 -27.29 -4.86 -7.48
C GLU A 363 -26.40 -6.08 -7.17
N ARG A 364 -25.42 -6.29 -8.06
CA ARG A 364 -24.51 -7.45 -7.99
C ARG A 364 -23.56 -7.31 -6.81
N ILE A 365 -23.10 -6.06 -6.61
CA ILE A 365 -22.18 -5.72 -5.51
C ILE A 365 -22.88 -5.93 -4.16
N VAL A 366 -24.11 -5.44 -4.07
CA VAL A 366 -24.84 -5.56 -2.77
C VAL A 366 -25.08 -7.05 -2.48
N GLU A 367 -25.49 -7.81 -3.49
CA GLU A 367 -25.67 -9.24 -3.37
C GLU A 367 -24.47 -9.97 -2.85
N ALA A 368 -23.31 -9.76 -3.51
CA ALA A 368 -22.02 -10.32 -3.13
C ALA A 368 -21.69 -10.04 -1.66
N ILE A 369 -21.88 -8.79 -1.25
CA ILE A 369 -21.59 -8.36 0.10
C ILE A 369 -22.47 -9.08 1.08
N LEU A 370 -23.78 -9.12 0.78
CA LEU A 370 -24.69 -9.83 1.71
C LEU A 370 -24.28 -11.28 1.82
N LYS A 371 -24.07 -11.92 0.69
CA LYS A 371 -23.73 -13.37 0.68
C LYS A 371 -22.46 -13.66 1.46
N HIS A 372 -21.51 -12.72 1.37
CA HIS A 372 -20.20 -12.85 2.04
C HIS A 372 -20.39 -12.95 3.53
N PHE A 373 -21.30 -12.15 4.06
CA PHE A 373 -21.55 -12.09 5.49
C PHE A 373 -22.68 -13.06 5.90
N ASN A 374 -23.20 -13.84 4.97
CA ASN A 374 -24.34 -14.76 5.23
C ASN A 374 -25.58 -14.06 5.78
N LYS A 375 -25.89 -12.93 5.15
CA LYS A 375 -26.94 -12.02 5.58
C LYS A 375 -28.07 -11.92 4.54
N GLY B 1 43.19 6.67 -4.43
CA GLY B 1 43.66 6.64 -3.01
C GLY B 1 42.91 7.75 -2.35
N PRO B 2 43.14 8.97 -2.84
CA PRO B 2 42.24 10.08 -2.55
C PRO B 2 40.82 9.78 -3.01
N VAL B 3 39.82 10.38 -2.35
CA VAL B 3 38.44 10.07 -2.67
C VAL B 3 37.87 11.21 -3.49
N ASP B 4 37.55 10.92 -4.74
CA ASP B 4 36.83 11.90 -5.53
C ASP B 4 35.35 11.90 -5.21
N MET B 5 34.87 12.99 -4.60
CA MET B 5 33.49 13.07 -4.13
C MET B 5 32.54 13.61 -5.16
N THR B 6 32.97 13.78 -6.41
CA THR B 6 32.22 14.67 -7.33
C THR B 6 31.17 13.98 -8.22
N GLU B 7 31.21 12.66 -8.31
CA GLU B 7 30.37 11.85 -9.19
C GLU B 7 29.83 10.63 -8.45
N ARG B 8 28.87 10.87 -7.56
CA ARG B 8 28.37 9.81 -6.67
C ARG B 8 26.87 9.62 -6.77
N LEU B 9 26.42 8.38 -6.64
CA LEU B 9 25.02 8.05 -6.59
C LEU B 9 24.57 8.26 -5.16
N LYS B 10 23.50 9.05 -4.98
CA LYS B 10 22.97 9.28 -3.62
C LYS B 10 22.03 8.14 -3.24
N VAL B 11 22.46 7.37 -2.24
CA VAL B 11 21.70 6.19 -1.71
C VAL B 11 21.30 6.47 -0.26
N MET B 12 20.01 6.61 -0.03
CA MET B 12 19.43 6.85 1.28
C MET B 12 18.84 5.57 1.83
N THR B 13 19.42 5.11 2.94
CA THR B 13 18.86 3.99 3.70
C THR B 13 17.96 4.50 4.79
N ILE B 14 16.76 3.91 4.93
CA ILE B 14 15.81 4.41 5.93
C ILE B 14 15.29 3.27 6.79
N PHE B 15 15.29 3.51 8.09
CA PHE B 15 14.76 2.54 9.04
C PHE B 15 14.49 3.25 10.37
N GLY B 16 13.86 2.53 11.30
CA GLY B 16 13.49 3.19 12.54
C GLY B 16 13.41 2.38 13.80
N THR B 17 13.72 1.10 13.71
CA THR B 17 13.50 0.14 14.79
C THR B 17 14.74 -0.73 15.02
N ARG B 18 14.83 -1.34 16.20
CA ARG B 18 15.94 -2.29 16.48
C ARG B 18 16.18 -3.31 15.38
N PRO B 19 15.16 -4.10 15.00
CA PRO B 19 15.45 -5.16 14.02
C PRO B 19 15.89 -4.64 12.64
N GLU B 20 15.29 -3.54 12.18
CA GLU B 20 15.70 -2.97 10.92
C GLU B 20 17.14 -2.51 11.00
N ALA B 21 17.45 -1.86 12.12
CA ALA B 21 18.78 -1.32 12.32
C ALA B 21 19.84 -2.41 12.30
N ILE B 22 19.58 -3.55 12.94
CA ILE B 22 20.54 -4.65 12.94
C ILE B 22 20.74 -5.19 11.53
N LYS B 23 19.63 -5.35 10.78
CA LYS B 23 19.69 -5.91 9.46
C LYS B 23 20.23 -4.93 8.41
N MET B 24 20.13 -3.62 8.67
CA MET B 24 20.59 -2.58 7.77
C MET B 24 22.04 -2.09 8.02
N ALA B 25 22.49 -2.22 9.25
CA ALA B 25 23.87 -1.84 9.61
C ALA B 25 24.99 -2.42 8.68
N PRO B 26 25.01 -3.75 8.42
CA PRO B 26 25.91 -4.34 7.42
C PRO B 26 25.86 -3.74 6.03
N LEU B 27 24.64 -3.41 5.60
CA LEU B 27 24.38 -2.72 4.35
C LEU B 27 24.96 -1.29 4.32
N VAL B 28 24.68 -0.49 5.36
CA VAL B 28 25.29 0.84 5.55
C VAL B 28 26.80 0.71 5.54
N LEU B 29 27.35 -0.28 6.24
CA LEU B 29 28.81 -0.47 6.30
C LEU B 29 29.35 -0.77 4.88
N GLU B 30 28.65 -1.60 4.11
CA GLU B 30 29.09 -2.00 2.76
C GLU B 30 28.93 -0.82 1.80
N LEU B 31 27.87 -0.02 1.92
CA LEU B 31 27.72 1.17 1.06
C LEU B 31 28.88 2.14 1.22
N GLN B 32 29.33 2.24 2.44
CA GLN B 32 30.45 3.08 2.83
C GLN B 32 31.76 2.61 2.26
N LYS B 33 31.85 1.37 1.76
CA LYS B 33 33.10 0.85 1.13
C LYS B 33 33.28 1.33 -0.33
N HIS B 34 32.35 2.14 -0.80
CA HIS B 34 32.34 2.59 -2.22
C HIS B 34 32.25 4.12 -2.27
N PRO B 35 33.16 4.83 -1.60
CA PRO B 35 32.99 6.27 -1.42
C PRO B 35 33.08 7.13 -2.68
N GLU B 36 33.62 6.62 -3.78
CA GLU B 36 33.68 7.41 -5.05
C GLU B 36 32.44 7.17 -5.95
N LYS B 37 31.75 6.05 -5.68
CA LYS B 37 30.58 5.68 -6.46
C LYS B 37 29.30 6.07 -5.74
N ILE B 38 29.33 6.09 -4.41
CA ILE B 38 28.11 6.27 -3.61
C ILE B 38 28.24 7.32 -2.51
N GLU B 39 27.28 8.22 -2.47
CA GLU B 39 27.00 9.08 -1.28
C GLU B 39 25.97 8.36 -0.41
N SER B 40 26.46 7.83 0.71
CA SER B 40 25.56 7.05 1.60
C SER B 40 24.94 7.97 2.66
N ILE B 41 23.62 8.04 2.66
CA ILE B 41 22.87 8.87 3.57
C ILE B 41 21.99 7.98 4.40
N VAL B 42 22.05 8.16 5.71
CA VAL B 42 21.30 7.34 6.67
C VAL B 42 20.26 8.22 7.36
N THR B 43 19.00 7.84 7.18
CA THR B 43 17.87 8.51 7.74
C THR B 43 17.10 7.54 8.65
N VAL B 44 16.83 7.99 9.89
CA VAL B 44 16.00 7.22 10.78
C VAL B 44 14.74 7.97 11.14
N THR B 45 13.67 7.21 11.21
CA THR B 45 12.43 7.71 11.75
C THR B 45 12.47 7.79 13.24
N ALA B 46 13.30 6.96 13.89
CA ALA B 46 13.20 6.72 15.38
C ALA B 46 11.76 6.49 15.77
N GLN B 47 11.08 5.62 15.01
CA GLN B 47 9.94 4.85 15.52
C GLN B 47 10.23 4.20 16.90
N HIS B 48 11.44 3.68 16.99
CA HIS B 48 12.07 3.30 18.28
C HIS B 48 13.10 4.39 18.60
N ARG B 49 13.23 4.73 19.89
CA ARG B 49 14.28 5.62 20.35
C ARG B 49 15.40 4.83 21.04
N GLN B 50 15.17 4.37 22.28
CA GLN B 50 16.22 3.67 23.06
C GLN B 50 16.72 2.39 22.38
N MET B 51 15.80 1.53 21.91
CA MET B 51 16.20 0.27 21.27
C MET B 51 16.86 0.50 19.89
N LEU B 52 16.53 1.59 19.21
CA LEU B 52 17.24 1.93 17.97
C LEU B 52 18.65 2.40 18.30
N ASP B 53 18.77 3.32 19.25
CA ASP B 53 20.10 3.88 19.67
C ASP B 53 21.10 2.82 20.14
N GLN B 54 20.58 1.81 20.82
CA GLN B 54 21.37 0.66 21.25
C GLN B 54 22.09 -0.01 20.09
N VAL B 55 21.42 -0.03 18.93
CA VAL B 55 21.99 -0.69 17.73
C VAL B 55 22.97 0.21 17.03
N LEU B 56 22.57 1.46 16.81
CA LEU B 56 23.42 2.47 16.16
C LEU B 56 24.77 2.64 16.89
N SER B 57 24.69 2.57 18.23
CA SER B 57 25.91 2.70 19.03
C SER B 57 26.92 1.53 18.85
N ILE B 58 26.42 0.29 18.84
CA ILE B 58 27.22 -0.90 18.53
C ILE B 58 27.90 -0.77 17.16
N PHE B 59 27.16 -0.32 16.15
CA PHE B 59 27.76 -0.27 14.79
C PHE B 59 28.47 1.06 14.53
N GLY B 60 28.26 2.02 15.42
CA GLY B 60 28.91 3.31 15.27
C GLY B 60 28.34 4.15 14.15
N ILE B 61 27.03 4.02 13.95
CA ILE B 61 26.35 4.71 12.86
C ILE B 61 25.62 5.94 13.37
N THR B 62 26.06 7.10 12.88
CA THR B 62 25.39 8.36 13.22
C THR B 62 24.50 8.75 12.04
N PRO B 63 23.18 8.78 12.22
CA PRO B 63 22.30 9.16 11.16
C PRO B 63 22.57 10.56 10.68
N ASP B 64 22.47 10.73 9.38
CA ASP B 64 22.39 12.05 8.76
C ASP B 64 21.10 12.81 9.11
N PHE B 65 19.99 12.09 9.12
CA PHE B 65 18.71 12.61 9.56
C PHE B 65 18.05 11.72 10.63
N ASP B 66 17.44 12.33 11.66
CA ASP B 66 16.78 11.60 12.76
C ASP B 66 15.50 12.32 13.12
N LEU B 67 14.37 11.71 12.76
CA LEU B 67 13.07 12.37 12.88
C LEU B 67 12.58 12.34 14.33
N ASN B 68 13.13 11.43 15.13
CA ASN B 68 12.75 11.35 16.57
C ASN B 68 11.20 11.27 16.77
N ILE B 69 10.52 10.42 16.02
CA ILE B 69 9.05 10.40 16.06
C ILE B 69 8.44 9.71 17.25
N MET B 70 9.19 8.82 17.91
CA MET B 70 8.54 7.95 18.91
C MET B 70 7.70 8.74 19.95
N LYS B 71 6.46 8.29 20.18
CA LYS B 71 5.60 8.74 21.28
C LYS B 71 5.35 7.54 22.24
N ASP B 72 5.08 7.83 23.50
CA ASP B 72 4.72 6.74 24.48
C ASP B 72 3.41 6.07 24.02
N ARG B 73 3.44 4.74 23.90
CA ARG B 73 2.24 3.96 23.54
C ARG B 73 1.59 4.49 22.27
N GLN B 74 2.42 4.64 21.25
CA GLN B 74 2.03 5.24 20.02
C GLN B 74 1.15 4.29 19.23
N THR B 75 0.32 4.89 18.38
CA THR B 75 -0.58 4.16 17.48
C THR B 75 0.08 3.98 16.08
N LEU B 76 -0.50 3.12 15.26
CA LEU B 76 -0.03 2.98 13.89
C LEU B 76 -0.24 4.27 13.11
N ILE B 77 -1.32 5.00 13.45
CA ILE B 77 -1.58 6.30 12.80
C ILE B 77 -0.52 7.35 13.20
N ASP B 78 -0.12 7.36 14.47
CA ASP B 78 1.00 8.20 14.95
C ASP B 78 2.25 8.01 14.10
N ILE B 79 2.61 6.75 13.90
CA ILE B 79 3.84 6.44 13.17
C ILE B 79 3.69 6.85 11.71
N THR B 80 2.57 6.45 11.15
CA THR B 80 2.31 6.69 9.76
C THR B 80 2.34 8.18 9.40
N THR B 81 1.66 9.02 10.16
CA THR B 81 1.60 10.46 9.79
C THR B 81 2.93 11.17 10.11
N ARG B 82 3.51 10.91 11.29
CA ARG B 82 4.74 11.61 11.71
C ARG B 82 5.89 11.17 10.82
N GLY B 83 5.94 9.90 10.49
CA GLY B 83 6.91 9.35 9.60
C GLY B 83 6.77 9.86 8.19
N LEU B 84 5.58 9.83 7.63
CA LEU B 84 5.43 10.35 6.25
C LEU B 84 5.85 11.84 6.12
N GLU B 85 5.33 12.69 7.02
CA GLU B 85 5.56 14.12 6.92
C GLU B 85 7.06 14.42 7.03
N GLY B 86 7.74 13.79 8.00
CA GLY B 86 9.19 13.99 8.25
C GLY B 86 10.03 13.48 7.12
N LEU B 87 9.74 12.25 6.67
CA LEU B 87 10.50 11.70 5.51
C LEU B 87 10.32 12.52 4.20
N ASP B 88 9.12 13.07 3.98
CA ASP B 88 8.89 13.89 2.77
C ASP B 88 9.84 15.08 2.84
N LYS B 89 9.99 15.65 4.02
CA LYS B 89 10.86 16.82 4.14
C LYS B 89 12.33 16.46 3.91
N VAL B 90 12.75 15.29 4.43
CA VAL B 90 14.11 14.83 4.25
C VAL B 90 14.40 14.55 2.79
N MET B 91 13.47 13.92 2.10
CA MET B 91 13.67 13.58 0.70
C MET B 91 13.72 14.80 -0.22
N LYS B 92 12.96 15.84 0.12
CA LYS B 92 12.93 17.08 -0.65
C LYS B 92 14.24 17.86 -0.45
N GLU B 93 14.84 17.70 0.74
CA GLU B 93 16.13 18.31 1.08
C GLU B 93 17.31 17.62 0.47
N ALA B 94 17.34 16.29 0.62
CA ALA B 94 18.51 15.52 0.19
C ALA B 94 18.47 15.06 -1.25
N LYS B 95 17.27 14.83 -1.78
CA LYS B 95 17.07 14.42 -3.15
C LYS B 95 17.88 13.17 -3.56
N PRO B 96 17.72 12.06 -2.79
CA PRO B 96 18.45 10.85 -3.10
C PRO B 96 18.02 10.27 -4.47
N ASP B 97 18.92 9.52 -5.11
CA ASP B 97 18.68 8.74 -6.31
C ASP B 97 17.86 7.45 -6.05
N ILE B 98 18.01 6.88 -4.84
CA ILE B 98 17.28 5.70 -4.50
C ILE B 98 17.14 5.64 -2.98
N VAL B 99 15.99 5.18 -2.52
CA VAL B 99 15.71 4.94 -1.11
C VAL B 99 15.65 3.43 -0.88
N LEU B 100 16.32 2.99 0.17
CA LEU B 100 16.38 1.60 0.56
C LEU B 100 15.63 1.49 1.82
N VAL B 101 14.67 0.55 1.85
CA VAL B 101 13.82 0.30 3.03
C VAL B 101 13.98 -1.18 3.42
N HIS B 102 13.68 -1.52 4.66
CA HIS B 102 13.89 -2.84 5.12
C HIS B 102 12.62 -3.52 5.63
N GLY B 103 12.34 -4.70 5.12
CA GLY B 103 11.40 -5.59 5.80
C GLY B 103 9.95 -5.21 5.86
N ASP B 104 9.45 -5.04 7.07
CA ASP B 104 8.01 -4.99 7.22
C ASP B 104 7.44 -4.15 8.38
N THR B 105 8.22 -3.18 8.88
CA THR B 105 7.72 -2.23 9.87
C THR B 105 6.84 -1.16 9.24
N THR B 106 6.12 -0.39 10.08
CA THR B 106 5.38 0.77 9.58
C THR B 106 6.31 1.82 8.94
N THR B 107 7.50 2.02 9.50
CA THR B 107 8.51 2.82 8.89
C THR B 107 8.78 2.36 7.44
N THR B 108 8.91 1.05 7.20
CA THR B 108 9.20 0.49 5.88
C THR B 108 8.17 0.98 4.88
N PHE B 109 6.92 0.84 5.27
CA PHE B 109 5.77 1.25 4.44
C PHE B 109 5.76 2.75 4.17
N ILE B 110 5.86 3.59 5.21
CA ILE B 110 5.76 5.07 4.98
C ILE B 110 7.05 5.66 4.35
N ALA B 111 8.19 4.96 4.53
CA ALA B 111 9.43 5.28 3.79
C ALA B 111 9.28 5.08 2.27
N SER B 112 8.69 3.96 1.90
CA SER B 112 8.36 3.63 0.52
C SER B 112 7.34 4.58 -0.06
N LEU B 113 6.32 4.92 0.74
CA LEU B 113 5.27 5.85 0.31
C LEU B 113 5.83 7.27 0.07
N ALA B 114 6.65 7.74 1.01
CA ALA B 114 7.27 9.09 0.88
C ALA B 114 8.15 9.09 -0.40
N ALA B 115 8.93 8.04 -0.64
CA ALA B 115 9.77 7.95 -1.88
C ALA B 115 8.87 8.06 -3.11
N PHE B 116 7.77 7.32 -3.10
CA PHE B 116 6.85 7.32 -4.24
C PHE B 116 6.24 8.68 -4.45
N TYR B 117 5.88 9.34 -3.36
CA TYR B 117 5.33 10.71 -3.42
C TYR B 117 6.34 11.75 -3.88
N ASN B 118 7.59 11.35 -4.05
CA ASN B 118 8.71 12.17 -4.54
C ASN B 118 9.34 11.55 -5.85
N GLN B 119 8.67 10.55 -6.41
CA GLN B 119 9.10 9.82 -7.59
C GLN B 119 10.60 9.39 -7.45
N ILE B 120 10.91 8.84 -6.28
CA ILE B 120 12.24 8.31 -6.05
C ILE B 120 12.12 6.78 -6.01
N PRO B 121 13.03 6.06 -6.75
CA PRO B 121 13.00 4.60 -6.73
C PRO B 121 13.26 4.01 -5.32
N VAL B 122 12.71 2.84 -5.08
CA VAL B 122 12.76 2.16 -3.84
C VAL B 122 13.35 0.76 -4.07
N GLY B 123 14.31 0.45 -3.21
CA GLY B 123 14.87 -0.89 -3.09
C GLY B 123 14.48 -1.51 -1.75
N HIS B 124 13.84 -2.67 -1.84
CA HIS B 124 13.29 -3.38 -0.66
C HIS B 124 14.21 -4.49 -0.22
N VAL B 125 14.88 -4.22 0.88
CA VAL B 125 15.79 -5.19 1.50
C VAL B 125 14.89 -6.10 2.34
N GLU B 126 15.02 -7.40 2.10
CA GLU B 126 14.24 -8.46 2.76
C GLU B 126 12.83 -8.51 2.11
N ALA B 127 12.82 -8.77 0.82
CA ALA B 127 11.63 -8.68 0.06
C ALA B 127 10.90 -10.01 -0.12
N GLY B 128 9.58 -9.99 0.00
CA GLY B 128 8.75 -11.14 -0.37
C GLY B 128 8.35 -12.16 0.69
N LEU B 129 8.59 -11.85 1.95
CA LEU B 129 8.17 -12.79 3.03
C LEU B 129 6.65 -12.73 3.14
N ARG B 130 6.02 -13.90 3.25
CA ARG B 130 4.54 -13.99 3.37
C ARG B 130 4.03 -15.07 4.32
N THR B 131 2.99 -14.72 5.06
CA THR B 131 2.10 -15.66 5.71
C THR B 131 0.74 -15.74 4.96
N TRP B 132 0.45 -14.76 4.09
CA TRP B 132 -0.89 -14.67 3.44
C TRP B 132 -2.04 -14.51 4.42
N ASP B 133 -1.75 -14.01 5.63
CA ASP B 133 -2.78 -13.71 6.62
C ASP B 133 -2.59 -12.28 7.06
N LYS B 134 -3.46 -11.36 6.65
CA LYS B 134 -3.22 -9.95 6.97
C LYS B 134 -3.39 -9.57 8.45
N TYR B 135 -3.85 -10.52 9.29
CA TYR B 135 -3.96 -10.30 10.72
C TYR B 135 -2.95 -11.10 11.55
N SER B 136 -2.01 -11.75 10.87
CA SER B 136 -0.96 -12.54 11.52
C SER B 136 0.24 -12.72 10.58
N PRO B 137 1.29 -11.86 10.74
CA PRO B 137 1.52 -10.78 11.71
C PRO B 137 0.83 -9.52 11.30
N TYR B 138 0.37 -8.79 12.31
CA TYR B 138 -0.33 -7.53 12.12
C TYR B 138 0.43 -6.40 12.76
N PRO B 139 0.75 -5.36 11.99
CA PRO B 139 0.44 -5.08 10.55
C PRO B 139 1.50 -5.47 9.53
N GLU B 140 2.46 -6.31 9.94
CA GLU B 140 3.71 -6.58 9.17
C GLU B 140 3.45 -7.26 7.83
N GLU B 141 2.49 -8.18 7.79
CA GLU B 141 2.16 -8.82 6.53
C GLU B 141 1.73 -7.75 5.49
N MET B 142 0.85 -6.85 5.90
CA MET B 142 0.37 -5.79 5.04
C MET B 142 1.50 -4.83 4.72
N ASN B 143 2.38 -4.57 5.69
CA ASN B 143 3.43 -3.60 5.39
C ASN B 143 4.31 -4.12 4.24
N ARG B 144 4.71 -5.38 4.28
CA ARG B 144 5.58 -5.97 3.24
C ARG B 144 4.82 -6.13 1.91
N GLN B 145 3.48 -6.30 1.94
CA GLN B 145 2.70 -6.31 0.69
C GLN B 145 2.63 -4.94 0.03
N LEU B 146 2.34 -3.96 0.88
CA LEU B 146 2.28 -2.56 0.47
C LEU B 146 3.62 -2.10 -0.13
N THR B 147 4.70 -2.24 0.66
CA THR B 147 6.06 -2.01 0.22
C THR B 147 6.38 -2.79 -1.09
N GLY B 148 5.86 -4.01 -1.23
CA GLY B 148 6.07 -4.83 -2.44
C GLY B 148 5.57 -4.23 -3.73
N VAL B 149 4.37 -3.62 -3.68
CA VAL B 149 3.81 -2.96 -4.88
C VAL B 149 4.49 -1.63 -5.22
N MET B 150 5.12 -1.05 -4.20
CA MET B 150 5.87 0.20 -4.35
C MET B 150 7.30 -0.01 -4.87
N ALA B 151 7.94 -1.13 -4.54
CA ALA B 151 9.38 -1.29 -4.71
C ALA B 151 9.74 -1.40 -6.21
N ASP B 152 10.86 -0.79 -6.60
CA ASP B 152 11.46 -0.99 -7.90
C ASP B 152 12.44 -2.18 -7.97
N LEU B 153 13.18 -2.45 -6.89
CA LEU B 153 14.07 -3.58 -6.78
C LEU B 153 13.77 -4.32 -5.52
N HIS B 154 13.79 -5.64 -5.63
CA HIS B 154 13.36 -6.58 -4.58
C HIS B 154 14.57 -7.46 -4.22
N PHE B 155 15.08 -7.27 -3.00
CA PHE B 155 16.16 -8.08 -2.50
C PHE B 155 15.61 -9.19 -1.58
N SER B 156 15.33 -10.34 -2.23
CA SER B 156 14.79 -11.51 -1.53
C SER B 156 15.89 -12.35 -0.82
N PRO B 157 15.66 -12.68 0.45
CA PRO B 157 16.67 -13.47 1.17
C PRO B 157 16.85 -14.92 0.68
N THR B 158 15.75 -15.46 0.17
CA THR B 158 15.61 -16.85 -0.16
C THR B 158 14.83 -17.09 -1.47
N ALA B 159 15.03 -18.27 -2.02
CA ALA B 159 14.30 -18.67 -3.22
C ALA B 159 12.80 -18.57 -3.03
N LYS B 160 12.27 -18.98 -1.89
CA LYS B 160 10.80 -18.99 -1.68
C LYS B 160 10.25 -17.57 -1.72
N SER B 161 10.96 -16.64 -1.07
CA SER B 161 10.47 -15.25 -1.04
C SER B 161 10.48 -14.64 -2.46
N ALA B 162 11.52 -14.96 -3.25
CA ALA B 162 11.53 -14.59 -4.67
C ALA B 162 10.31 -15.17 -5.43
N THR B 163 10.02 -16.46 -5.19
CA THR B 163 8.88 -17.14 -5.81
C THR B 163 7.54 -16.49 -5.47
N ASN B 164 7.41 -16.06 -4.21
CA ASN B 164 6.24 -15.35 -3.73
C ASN B 164 6.01 -14.12 -4.55
N LEU B 165 7.08 -13.34 -4.79
CA LEU B 165 6.94 -12.10 -5.61
C LEU B 165 6.62 -12.43 -7.06
N GLN B 166 7.24 -13.49 -7.57
CA GLN B 166 7.04 -13.93 -8.95
C GLN B 166 5.55 -14.29 -9.12
N LYS B 167 4.99 -14.96 -8.13
CA LYS B 167 3.56 -15.38 -8.16
C LYS B 167 2.57 -14.20 -8.04
N GLU B 168 3.06 -13.04 -7.54
CA GLU B 168 2.29 -11.79 -7.50
C GLU B 168 2.49 -10.88 -8.73
N ASN B 169 3.12 -11.45 -9.76
CA ASN B 169 3.38 -10.73 -10.98
C ASN B 169 4.37 -9.57 -10.87
N LYS B 170 5.31 -9.63 -9.92
CA LYS B 170 6.42 -8.68 -9.92
C LYS B 170 7.33 -8.95 -11.15
N ASP B 171 8.02 -7.91 -11.61
CA ASP B 171 8.99 -7.99 -12.69
C ASP B 171 10.14 -8.89 -12.26
N GLU B 172 10.24 -10.07 -12.88
CA GLU B 172 11.30 -11.04 -12.57
C GLU B 172 12.73 -10.45 -12.65
N SER B 173 12.91 -9.49 -13.55
CA SER B 173 14.23 -8.90 -13.76
C SER B 173 14.66 -7.90 -12.65
N ARG B 174 13.75 -7.63 -11.73
CA ARG B 174 13.93 -6.75 -10.60
C ARG B 174 13.96 -7.54 -9.30
N ILE B 175 13.95 -8.87 -9.35
CA ILE B 175 13.99 -9.69 -8.11
C ILE B 175 15.32 -10.42 -8.03
N PHE B 176 15.98 -10.28 -6.88
CA PHE B 176 17.32 -10.84 -6.67
C PHE B 176 17.42 -11.58 -5.32
N ILE B 177 18.01 -12.78 -5.34
CA ILE B 177 18.12 -13.61 -4.14
C ILE B 177 19.52 -13.39 -3.62
N THR B 178 19.60 -12.93 -2.39
CA THR B 178 20.88 -12.44 -1.82
C THR B 178 21.35 -13.12 -0.53
N GLY B 179 20.45 -13.85 0.13
CA GLY B 179 20.65 -14.20 1.53
C GLY B 179 20.11 -13.07 2.40
N ASN B 180 19.90 -13.38 3.67
CA ASN B 180 19.37 -12.39 4.58
C ASN B 180 20.53 -11.65 5.19
N THR B 181 20.46 -10.31 5.25
CA THR B 181 21.54 -9.53 5.88
C THR B 181 21.68 -9.79 7.41
N ALA B 182 20.67 -10.41 8.08
CA ALA B 182 20.78 -10.79 9.48
C ALA B 182 22.07 -11.61 9.67
N ILE B 183 22.44 -12.41 8.65
CA ILE B 183 23.61 -13.31 8.78
C ILE B 183 24.90 -12.48 8.69
N ASP B 184 24.90 -11.44 7.83
CA ASP B 184 26.04 -10.54 7.69
C ASP B 184 26.39 -9.99 9.10
N ALA B 185 25.37 -9.61 9.85
CA ALA B 185 25.51 -9.04 11.19
C ALA B 185 26.03 -10.10 12.17
N LEU B 186 25.36 -11.25 12.16
CA LEU B 186 25.64 -12.37 13.10
C LEU B 186 27.09 -12.80 13.01
N LYS B 187 27.65 -12.86 11.81
CA LYS B 187 29.01 -13.39 11.69
C LYS B 187 30.01 -12.46 12.39
N THR B 188 29.67 -11.20 12.57
CA THR B 188 30.62 -10.30 13.23
C THR B 188 30.41 -10.13 14.74
N THR B 189 29.28 -10.61 15.30
CA THR B 189 28.95 -10.39 16.71
C THR B 189 29.31 -11.57 17.57
N VAL B 190 29.04 -12.78 17.11
CA VAL B 190 29.29 -14.01 17.85
C VAL B 190 30.80 -14.23 17.97
N LYS B 191 31.22 -14.64 19.16
CA LYS B 191 32.65 -14.81 19.45
C LYS B 191 32.85 -16.05 20.33
N GLU B 192 34.02 -16.70 20.23
CA GLU B 192 34.20 -17.90 21.06
C GLU B 192 34.45 -17.51 22.51
N THR B 193 35.06 -16.35 22.75
CA THR B 193 35.39 -15.99 24.13
C THR B 193 34.43 -14.90 24.62
N TYR B 194 33.62 -15.22 25.62
CA TYR B 194 32.55 -14.31 26.03
C TYR B 194 32.01 -14.65 27.40
N SER B 195 31.73 -13.63 28.21
CA SER B 195 30.93 -13.80 29.44
C SER B 195 29.95 -12.66 29.62
N HIS B 196 28.93 -12.93 30.44
CA HIS B 196 27.93 -11.97 30.80
C HIS B 196 27.31 -12.41 32.15
N PRO B 197 26.90 -11.45 33.00
CA PRO B 197 26.32 -11.85 34.30
C PRO B 197 25.19 -12.91 34.22
N VAL B 198 24.24 -12.69 33.32
CA VAL B 198 23.18 -13.69 33.03
C VAL B 198 23.71 -15.12 32.90
N LEU B 199 24.89 -15.27 32.29
CA LEU B 199 25.49 -16.57 32.08
C LEU B 199 26.22 -17.06 33.33
N GLU B 200 26.74 -16.13 34.13
CA GLU B 200 27.50 -16.45 35.36
C GLU B 200 26.57 -17.04 36.40
N LYS B 201 25.43 -16.38 36.59
CA LYS B 201 24.44 -16.83 37.56
C LYS B 201 23.74 -18.14 37.14
N LEU B 202 24.03 -18.63 35.94
CA LEU B 202 23.48 -19.88 35.41
C LEU B 202 24.08 -21.10 36.15
N GLY B 203 25.33 -20.98 36.57
CA GLY B 203 26.11 -22.16 36.93
C GLY B 203 26.12 -23.11 35.77
N ASN B 204 25.83 -24.38 36.00
CA ASN B 204 25.72 -25.32 34.90
C ASN B 204 24.28 -25.67 34.49
N ASN B 205 23.34 -24.79 34.83
CA ASN B 205 21.94 -24.96 34.41
C ASN B 205 21.80 -24.76 32.91
N ARG B 206 20.70 -25.26 32.37
CA ARG B 206 20.34 -25.00 30.97
C ARG B 206 19.63 -23.64 30.89
N LEU B 207 19.99 -22.85 29.88
CA LEU B 207 19.43 -21.51 29.71
C LEU B 207 18.31 -21.57 28.68
N VAL B 208 17.14 -21.09 29.04
CA VAL B 208 16.03 -20.86 28.10
C VAL B 208 15.94 -19.36 27.92
N LEU B 209 16.13 -18.91 26.70
CA LEU B 209 16.17 -17.50 26.39
C LEU B 209 14.86 -17.22 25.69
N MET B 210 14.13 -16.20 26.17
CA MET B 210 12.82 -15.87 25.60
C MET B 210 12.71 -14.39 25.21
N THR B 211 11.95 -14.15 24.14
CA THR B 211 11.46 -12.81 23.82
C THR B 211 10.03 -12.90 23.29
N ALA B 212 9.23 -11.88 23.59
CA ALA B 212 7.82 -11.83 23.13
C ALA B 212 7.37 -10.39 22.97
N HIS B 213 6.92 -10.04 21.77
CA HIS B 213 6.39 -8.70 21.49
C HIS B 213 5.43 -8.55 20.31
N ARG B 214 5.01 -9.64 19.65
CA ARG B 214 4.17 -9.48 18.44
C ARG B 214 2.85 -8.79 18.80
N ARG B 215 2.44 -7.84 17.97
CA ARG B 215 1.29 -6.99 18.24
C ARG B 215 0.04 -7.82 18.47
N GLU B 216 -0.15 -8.86 17.62
CA GLU B 216 -1.32 -9.72 17.64
C GLU B 216 -1.26 -10.74 18.82
N ASN B 217 -0.11 -10.79 19.48
CA ASN B 217 0.08 -11.63 20.67
C ASN B 217 -0.15 -10.87 21.99
N LEU B 218 -0.35 -9.56 21.90
CA LEU B 218 -0.58 -8.74 23.12
C LEU B 218 -1.81 -9.17 23.85
N GLY B 219 -1.72 -9.29 25.18
CA GLY B 219 -2.89 -9.66 26.01
C GLY B 219 -2.98 -11.19 26.17
N GLU B 220 -4.16 -11.74 25.91
CA GLU B 220 -4.44 -13.17 26.10
C GLU B 220 -3.36 -14.16 25.59
N PRO B 221 -2.87 -14.01 24.35
CA PRO B 221 -1.88 -14.93 23.88
C PRO B 221 -0.58 -14.90 24.72
N MET B 222 -0.05 -13.71 25.02
CA MET B 222 1.15 -13.63 25.89
C MET B 222 0.93 -14.17 27.28
N ARG B 223 -0.26 -13.92 27.82
CA ARG B 223 -0.60 -14.50 29.13
C ARG B 223 -0.53 -16.03 29.11
N ASN B 224 -1.06 -16.65 28.05
CA ASN B 224 -0.89 -18.13 27.84
C ASN B 224 0.58 -18.58 27.80
N MET B 225 1.35 -17.87 27.00
CA MET B 225 2.80 -18.11 26.89
C MET B 225 3.50 -18.10 28.25
N PHE B 226 3.22 -17.06 29.01
CA PHE B 226 3.93 -16.79 30.25
C PHE B 226 3.53 -17.80 31.32
N ARG B 227 2.25 -18.14 31.35
CA ARG B 227 1.81 -19.20 32.27
C ARG B 227 2.45 -20.54 31.93
N ALA B 228 2.58 -20.88 30.66
CA ALA B 228 3.30 -22.07 30.22
C ALA B 228 4.76 -22.04 30.70
N ILE B 229 5.38 -20.88 30.62
CA ILE B 229 6.79 -20.74 30.95
C ILE B 229 7.03 -20.93 32.46
N LYS B 230 6.13 -20.39 33.27
CA LYS B 230 6.17 -20.66 34.72
C LYS B 230 6.08 -22.14 35.04
N ARG B 231 5.18 -22.84 34.37
CA ARG B 231 5.00 -24.28 34.61
C ARG B 231 6.22 -25.09 34.25
N LEU B 232 6.91 -24.69 33.17
CA LEU B 232 8.13 -25.34 32.71
C LEU B 232 9.23 -25.15 33.74
N VAL B 233 9.35 -23.91 34.23
CA VAL B 233 10.31 -23.58 35.29
C VAL B 233 9.96 -24.39 36.57
N ASP B 234 8.68 -24.51 36.90
CA ASP B 234 8.27 -25.32 38.06
C ASP B 234 8.72 -26.77 37.95
N LYS B 235 8.57 -27.35 36.76
CA LYS B 235 8.85 -28.77 36.51
C LYS B 235 10.35 -29.01 36.38
N HIS B 236 11.05 -28.11 35.68
CA HIS B 236 12.48 -28.29 35.37
C HIS B 236 13.36 -27.42 36.28
N GLU B 237 13.86 -28.06 37.33
CA GLU B 237 14.58 -27.36 38.40
C GLU B 237 15.97 -26.85 37.97
N ASP B 238 16.52 -27.45 36.91
CA ASP B 238 17.84 -27.09 36.42
C ASP B 238 17.82 -26.10 35.21
N VAL B 239 16.70 -25.40 35.03
CA VAL B 239 16.48 -24.41 33.95
C VAL B 239 16.45 -23.02 34.56
N GLN B 240 17.03 -22.03 33.87
CA GLN B 240 16.80 -20.64 34.20
C GLN B 240 16.34 -19.99 32.91
N VAL B 241 15.37 -19.10 33.02
CA VAL B 241 14.82 -18.36 31.86
C VAL B 241 15.31 -16.92 31.92
N VAL B 242 15.81 -16.41 30.80
CA VAL B 242 16.22 -15.02 30.75
C VAL B 242 15.31 -14.40 29.67
N TYR B 243 14.69 -13.27 30.03
CA TYR B 243 13.69 -12.56 29.17
C TYR B 243 14.13 -11.10 29.10
N PRO B 244 14.85 -10.69 28.01
CA PRO B 244 15.11 -9.26 27.77
C PRO B 244 13.79 -8.66 27.25
N VAL B 245 13.10 -7.93 28.13
CA VAL B 245 11.72 -7.54 27.89
C VAL B 245 11.67 -6.30 26.98
N HIS B 246 10.94 -6.43 25.89
CA HIS B 246 10.72 -5.32 24.93
C HIS B 246 10.19 -4.08 25.67
N MET B 247 10.50 -2.87 25.18
CA MET B 247 10.15 -1.62 25.89
C MET B 247 8.64 -1.21 25.83
N ASN B 248 7.85 -1.89 25.00
CA ASN B 248 6.43 -1.64 24.93
C ASN B 248 5.82 -1.77 26.33
N PRO B 249 5.26 -0.69 26.90
CA PRO B 249 4.65 -0.74 28.26
C PRO B 249 3.60 -1.86 28.39
N VAL B 250 2.89 -2.15 27.30
CA VAL B 250 1.90 -3.21 27.32
C VAL B 250 2.55 -4.59 27.61
N VAL B 251 3.69 -4.86 26.96
CA VAL B 251 4.43 -6.13 27.16
C VAL B 251 4.91 -6.22 28.61
N ARG B 252 5.44 -5.10 29.07
CA ARG B 252 6.02 -4.99 30.39
C ARG B 252 5.00 -5.22 31.48
N GLU B 253 3.78 -4.70 31.31
CA GLU B 253 2.68 -5.00 32.24
C GLU B 253 2.40 -6.50 32.37
N THR B 254 2.24 -7.16 31.21
CA THR B 254 1.95 -8.58 31.16
C THR B 254 3.15 -9.36 31.74
N ALA B 255 4.36 -8.98 31.35
CA ALA B 255 5.57 -9.65 31.84
C ALA B 255 5.66 -9.56 33.36
N ASN B 256 5.52 -8.34 33.90
CA ASN B 256 5.61 -8.13 35.35
C ASN B 256 4.51 -8.85 36.13
N ASP B 257 3.28 -8.79 35.60
CA ASP B 257 2.09 -9.43 36.23
C ASP B 257 2.30 -10.95 36.42
N ILE B 258 2.67 -11.62 35.33
CA ILE B 258 2.75 -13.06 35.33
C ILE B 258 4.12 -13.60 35.80
N LEU B 259 5.20 -12.99 35.32
CA LEU B 259 6.57 -13.50 35.53
C LEU B 259 7.43 -12.70 36.49
N GLY B 260 6.91 -11.60 37.01
CA GLY B 260 7.69 -10.75 37.91
C GLY B 260 7.95 -11.44 39.24
N ASP B 261 9.16 -11.29 39.76
CA ASP B 261 9.57 -11.92 41.04
C ASP B 261 9.45 -13.45 41.13
N TYR B 262 9.54 -14.16 40.00
CA TYR B 262 9.45 -15.61 39.99
C TYR B 262 10.85 -16.16 39.96
N GLY B 263 11.11 -17.11 40.85
CA GLY B 263 12.44 -17.66 40.96
C GLY B 263 12.92 -18.35 39.70
N ARG B 264 14.17 -18.13 39.36
CA ARG B 264 14.80 -18.69 38.14
C ARG B 264 14.22 -18.13 36.83
N ILE B 265 13.47 -17.06 36.93
CA ILE B 265 13.04 -16.30 35.71
C ILE B 265 13.60 -14.89 35.86
N HIS B 266 14.30 -14.41 34.84
CA HIS B 266 15.06 -13.17 34.98
C HIS B 266 14.57 -12.19 33.94
N LEU B 267 13.72 -11.25 34.36
CA LEU B 267 13.26 -10.16 33.46
C LEU B 267 14.33 -9.06 33.48
N ILE B 268 14.89 -8.75 32.31
CA ILE B 268 15.99 -7.81 32.23
C ILE B 268 15.66 -6.80 31.13
N GLU B 269 16.44 -5.74 31.07
CA GLU B 269 16.33 -4.75 29.97
C GLU B 269 16.83 -5.38 28.65
N PRO B 270 16.36 -4.85 27.49
CA PRO B 270 16.90 -5.28 26.23
C PRO B 270 18.42 -5.33 26.20
N LEU B 271 18.95 -6.42 25.66
CA LEU B 271 20.40 -6.64 25.54
C LEU B 271 20.86 -6.03 24.25
N ASP B 272 22.07 -5.51 24.22
CA ASP B 272 22.60 -5.04 22.96
C ASP B 272 22.84 -6.29 22.11
N VAL B 273 23.02 -6.06 20.80
CA VAL B 273 23.04 -7.16 19.85
C VAL B 273 24.25 -8.11 20.04
N ILE B 274 25.39 -7.60 20.53
CA ILE B 274 26.52 -8.48 20.85
C ILE B 274 26.19 -9.41 22.01
N ASP B 275 25.67 -8.82 23.08
CA ASP B 275 25.24 -9.61 24.21
C ASP B 275 24.13 -10.59 23.84
N PHE B 276 23.13 -10.13 23.11
CA PHE B 276 22.03 -11.02 22.75
C PHE B 276 22.46 -12.21 21.87
N HIS B 277 23.16 -11.95 20.76
CA HIS B 277 23.66 -13.04 19.92
C HIS B 277 24.54 -14.09 20.66
N ASN B 278 25.49 -13.59 21.43
CA ASN B 278 26.36 -14.47 22.25
C ASN B 278 25.61 -15.27 23.34
N VAL B 279 24.57 -14.70 23.95
CA VAL B 279 23.74 -15.38 24.95
C VAL B 279 22.83 -16.40 24.25
N ALA B 280 22.21 -16.01 23.13
CA ALA B 280 21.48 -16.96 22.27
C ALA B 280 22.33 -18.17 21.86
N ALA B 281 23.58 -17.94 21.47
CA ALA B 281 24.46 -18.98 20.93
C ALA B 281 24.75 -20.05 21.99
N ARG B 282 24.62 -19.61 23.23
CA ARG B 282 24.95 -20.40 24.41
C ARG B 282 23.70 -20.87 25.18
N SER B 283 22.52 -20.66 24.58
CA SER B 283 21.21 -21.14 25.13
C SER B 283 20.87 -22.58 24.77
N TYR B 284 20.13 -23.28 25.67
CA TYR B 284 19.66 -24.62 25.35
C TYR B 284 18.42 -24.62 24.42
N LEU B 285 17.57 -23.64 24.60
CA LEU B 285 16.25 -23.58 23.94
C LEU B 285 15.84 -22.11 23.89
N MET B 286 15.32 -21.64 22.75
CA MET B 286 14.70 -20.31 22.72
C MET B 286 13.18 -20.45 22.53
N LEU B 287 12.42 -19.60 23.22
CA LEU B 287 10.98 -19.42 23.03
C LEU B 287 10.74 -17.99 22.56
N THR B 288 10.25 -17.79 21.34
CA THR B 288 10.20 -16.42 20.81
C THR B 288 9.05 -16.21 19.83
N ASP B 289 8.66 -14.94 19.64
CA ASP B 289 7.82 -14.57 18.50
C ASP B 289 8.49 -13.52 17.64
N SER B 290 9.82 -13.40 17.80
CA SER B 290 10.69 -12.54 17.04
C SER B 290 10.90 -13.07 15.64
N GLY B 291 10.95 -12.18 14.65
CA GLY B 291 11.30 -12.58 13.28
C GLY B 291 12.79 -12.83 13.13
N GLY B 292 13.61 -11.87 13.59
CA GLY B 292 15.06 -12.00 13.45
C GLY B 292 15.65 -13.22 14.13
N VAL B 293 15.16 -13.54 15.32
CA VAL B 293 15.68 -14.71 16.05
C VAL B 293 15.46 -15.99 15.20
N GLN B 294 14.32 -16.09 14.50
CA GLN B 294 14.06 -17.22 13.62
C GLN B 294 15.13 -17.40 12.52
N GLU B 295 15.69 -16.30 11.99
CA GLU B 295 16.81 -16.39 10.99
C GLU B 295 18.22 -16.69 11.53
N GLU B 296 18.43 -16.26 12.77
CA GLU B 296 19.71 -16.39 13.42
C GLU B 296 19.90 -17.78 14.05
N ALA B 297 18.83 -18.30 14.64
CA ALA B 297 18.93 -19.58 15.38
C ALA B 297 19.48 -20.76 14.57
N PRO B 298 19.07 -20.96 13.29
CA PRO B 298 19.60 -22.13 12.59
C PRO B 298 21.13 -22.16 12.50
N SER B 299 21.71 -21.00 12.18
CA SER B 299 23.18 -20.84 12.12
C SER B 299 23.89 -21.11 13.45
N LEU B 300 23.16 -20.93 14.56
CA LEU B 300 23.67 -21.22 15.91
C LEU B 300 23.39 -22.66 16.37
N GLY B 301 22.55 -23.37 15.59
CA GLY B 301 22.06 -24.70 15.97
C GLY B 301 21.26 -24.79 17.26
N VAL B 302 20.50 -23.74 17.58
CA VAL B 302 19.78 -23.67 18.84
C VAL B 302 18.27 -23.85 18.57
N PRO B 303 17.69 -24.91 19.12
CA PRO B 303 16.23 -25.08 18.93
C PRO B 303 15.36 -23.88 19.37
N VAL B 304 14.32 -23.60 18.58
CA VAL B 304 13.38 -22.53 18.81
C VAL B 304 11.95 -23.06 18.71
N LEU B 305 11.15 -22.74 19.72
CA LEU B 305 9.71 -22.86 19.63
C LEU B 305 9.19 -21.46 19.29
N VAL B 306 8.55 -21.35 18.13
CA VAL B 306 7.99 -20.06 17.65
C VAL B 306 6.56 -19.91 18.19
N LEU B 307 6.33 -18.90 19.00
CA LEU B 307 5.07 -18.72 19.75
C LEU B 307 4.09 -17.84 18.93
N ARG B 308 3.77 -18.36 17.76
CA ARG B 308 2.79 -17.78 16.86
C ARG B 308 1.96 -18.88 16.20
N ASP B 309 0.83 -18.45 15.59
CA ASP B 309 0.00 -19.34 14.75
C ASP B 309 0.46 -19.41 13.26
N THR B 310 1.45 -18.58 12.90
CA THR B 310 2.02 -18.54 11.56
C THR B 310 3.52 -18.29 11.66
N THR B 311 4.25 -18.63 10.59
CA THR B 311 5.57 -18.00 10.39
C THR B 311 5.85 -17.78 8.91
N GLU B 312 6.69 -16.79 8.61
CA GLU B 312 7.13 -16.52 7.26
C GLU B 312 8.62 -16.85 7.13
N ARG B 313 9.12 -17.70 8.05
CA ARG B 313 10.47 -18.29 8.01
C ARG B 313 10.38 -19.83 7.80
N PRO B 314 9.79 -20.27 6.68
CA PRO B 314 9.63 -21.72 6.49
C PRO B 314 10.95 -22.45 6.33
N GLU B 315 12.02 -21.74 5.95
CA GLU B 315 13.27 -22.38 5.66
C GLU B 315 13.90 -22.88 6.97
N GLY B 316 13.69 -22.17 8.08
CA GLY B 316 14.13 -22.61 9.41
C GLY B 316 13.31 -23.75 9.99
N ILE B 317 12.05 -23.84 9.60
CA ILE B 317 11.23 -25.00 9.90
C ILE B 317 11.82 -26.21 9.16
N GLU B 318 12.09 -26.05 7.86
CA GLU B 318 12.70 -27.12 7.07
C GLU B 318 14.08 -27.55 7.56
N ALA B 319 14.84 -26.60 8.13
CA ALA B 319 16.13 -26.90 8.70
C ALA B 319 16.02 -27.72 10.00
N GLY B 320 14.81 -27.84 10.57
CA GLY B 320 14.59 -28.55 11.84
C GLY B 320 14.70 -27.65 13.08
N THR B 321 15.36 -26.50 12.94
CA THR B 321 15.63 -25.58 14.06
C THR B 321 14.36 -24.98 14.66
N LEU B 322 13.41 -24.60 13.80
CA LEU B 322 12.20 -23.91 14.23
C LEU B 322 11.02 -24.89 14.30
N LYS B 323 10.22 -24.73 15.36
CA LYS B 323 8.94 -25.46 15.49
C LYS B 323 7.84 -24.49 15.86
N LEU B 324 6.75 -24.50 15.11
CA LEU B 324 5.63 -23.61 15.41
C LEU B 324 4.86 -24.16 16.61
N ALA B 325 4.69 -23.35 17.66
CA ALA B 325 4.06 -23.80 18.90
C ALA B 325 2.64 -23.25 19.14
N GLY B 326 2.24 -22.22 18.38
CA GLY B 326 0.97 -21.54 18.64
C GLY B 326 1.00 -20.68 19.89
N THR B 327 -0.18 -20.29 20.37
CA THR B 327 -0.26 -19.45 21.54
C THR B 327 -1.15 -20.07 22.65
N ASP B 328 -1.38 -21.38 22.57
CA ASP B 328 -2.20 -22.07 23.58
C ASP B 328 -1.25 -22.53 24.70
N GLU B 329 -1.64 -22.25 25.93
CA GLU B 329 -0.80 -22.56 27.08
C GLU B 329 -0.44 -24.05 27.19
N GLU B 330 -1.44 -24.92 27.06
CA GLU B 330 -1.17 -26.34 27.19
C GLU B 330 -0.25 -26.86 26.10
N THR B 331 -0.43 -26.39 24.87
CA THR B 331 0.36 -26.82 23.71
C THR B 331 1.82 -26.36 23.81
N ILE B 332 2.01 -25.10 24.17
CA ILE B 332 3.36 -24.54 24.40
C ILE B 332 4.06 -25.32 25.52
N PHE B 333 3.34 -25.54 26.61
CA PHE B 333 3.89 -26.32 27.69
C PHE B 333 4.36 -27.70 27.26
N SER B 334 3.48 -28.43 26.56
CA SER B 334 3.74 -29.77 26.09
C SER B 334 4.97 -29.79 25.21
N LEU B 335 4.99 -28.96 24.16
CA LEU B 335 6.13 -28.94 23.24
C LEU B 335 7.46 -28.56 23.91
N ALA B 336 7.44 -27.57 24.79
CA ALA B 336 8.65 -27.15 25.48
C ALA B 336 9.10 -28.26 26.47
N ASP B 337 8.12 -28.89 27.12
CA ASP B 337 8.40 -29.92 28.12
C ASP B 337 9.10 -31.10 27.45
N GLU B 338 8.64 -31.48 26.26
CA GLU B 338 9.28 -32.56 25.48
C GLU B 338 10.73 -32.25 25.12
N LEU B 339 11.00 -31.02 24.67
CA LEU B 339 12.39 -30.60 24.37
C LEU B 339 13.34 -30.54 25.60
N LEU B 340 12.78 -30.29 26.78
CA LEU B 340 13.57 -30.21 28.01
C LEU B 340 13.67 -31.55 28.74
N SER B 341 12.89 -32.52 28.29
CA SER B 341 12.80 -33.86 28.88
C SER B 341 13.36 -34.95 27.95
N ASP B 342 13.18 -34.78 26.64
CA ASP B 342 13.56 -35.82 25.69
C ASP B 342 14.73 -35.33 24.85
N LYS B 343 15.91 -35.94 25.04
CA LYS B 343 17.13 -35.49 24.36
C LYS B 343 17.09 -35.73 22.85
N GLU B 344 16.42 -36.80 22.42
CA GLU B 344 16.30 -37.13 20.98
C GLU B 344 15.38 -36.16 20.22
N ALA B 345 14.38 -35.63 20.90
CA ALA B 345 13.53 -34.56 20.34
C ALA B 345 14.34 -33.27 20.18
N HIS B 346 15.17 -32.97 21.17
CA HIS B 346 16.08 -31.80 21.11
C HIS B 346 17.13 -31.97 20.01
N ASP B 347 17.71 -33.17 19.93
CA ASP B 347 18.76 -33.46 18.92
C ASP B 347 18.32 -33.17 17.49
N LYS B 348 17.06 -33.47 17.20
CA LYS B 348 16.47 -33.27 15.88
C LYS B 348 16.47 -31.80 15.50
N MET B 349 16.43 -30.92 16.51
CA MET B 349 16.34 -29.46 16.25
C MET B 349 17.67 -28.69 16.35
N SER B 350 18.75 -29.36 16.73
CA SER B 350 19.99 -28.66 17.09
C SER B 350 21.16 -28.82 16.06
N LYS B 351 20.88 -29.29 14.85
CA LYS B 351 21.89 -29.34 13.79
C LYS B 351 21.99 -27.96 13.18
N ALA B 352 23.19 -27.36 13.16
CA ALA B 352 23.31 -26.00 12.62
C ALA B 352 23.41 -26.04 11.09
N SER B 353 22.76 -25.08 10.42
CA SER B 353 22.83 -24.92 8.99
C SER B 353 22.61 -23.44 8.70
N ASN B 354 22.74 -23.04 7.45
CA ASN B 354 22.68 -21.61 7.05
C ASN B 354 21.67 -21.39 5.96
N PRO B 355 20.37 -21.66 6.28
CA PRO B 355 19.28 -21.57 5.29
C PRO B 355 19.01 -20.12 4.85
N TYR B 356 19.53 -19.17 5.64
CA TYR B 356 19.40 -17.73 5.32
C TYR B 356 20.67 -17.05 4.74
N GLY B 357 21.61 -17.88 4.37
CA GLY B 357 22.72 -17.48 3.53
C GLY B 357 24.02 -17.43 4.28
N ASP B 358 25.02 -16.86 3.61
CA ASP B 358 26.45 -16.90 4.00
C ASP B 358 27.01 -15.59 4.60
N GLY B 359 26.12 -14.63 4.84
CA GLY B 359 26.51 -13.40 5.49
C GLY B 359 27.20 -12.45 4.53
N ARG B 360 27.02 -12.65 3.22
CA ARG B 360 27.52 -11.71 2.20
C ARG B 360 26.36 -11.03 1.43
N ALA B 361 25.18 -11.00 2.01
CA ALA B 361 24.01 -10.38 1.36
C ALA B 361 24.25 -8.91 0.98
N SER B 362 24.86 -8.14 1.87
CA SER B 362 25.04 -6.67 1.68
C SER B 362 25.85 -6.39 0.40
N GLU B 363 26.91 -7.18 0.18
CA GLU B 363 27.75 -7.03 -1.05
C GLU B 363 26.93 -7.17 -2.31
N ARG B 364 25.96 -8.08 -2.25
CA ARG B 364 25.18 -8.44 -3.42
C ARG B 364 24.20 -7.34 -3.69
N ILE B 365 23.64 -6.82 -2.61
CA ILE B 365 22.65 -5.74 -2.68
C ILE B 365 23.33 -4.52 -3.26
N VAL B 366 24.51 -4.15 -2.80
CA VAL B 366 25.11 -2.93 -3.37
C VAL B 366 25.46 -3.11 -4.84
N GLU B 367 25.90 -4.32 -5.20
CA GLU B 367 26.24 -4.65 -6.56
C GLU B 367 25.05 -4.47 -7.46
N ALA B 368 23.92 -5.12 -7.09
CA ALA B 368 22.63 -4.96 -7.78
C ALA B 368 22.21 -3.51 -7.99
N ILE B 369 22.30 -2.71 -6.92
CA ILE B 369 21.95 -1.28 -6.99
C ILE B 369 22.86 -0.54 -7.93
N LEU B 370 24.17 -0.77 -7.85
CA LEU B 370 25.06 -0.06 -8.81
C LEU B 370 24.75 -0.44 -10.25
N LYS B 371 24.61 -1.74 -10.51
CA LYS B 371 24.36 -2.24 -11.88
C LYS B 371 23.05 -1.65 -12.44
N HIS B 372 22.07 -1.50 -11.56
CA HIS B 372 20.76 -0.96 -11.93
C HIS B 372 20.90 0.44 -12.53
N PHE B 373 21.77 1.24 -11.93
CA PHE B 373 21.94 2.61 -12.33
C PHE B 373 23.12 2.74 -13.32
N ASN B 374 23.73 1.61 -13.71
CA ASN B 374 24.88 1.63 -14.63
C ASN B 374 26.04 2.46 -14.08
N LYS B 375 26.33 2.24 -12.80
CA LYS B 375 27.29 3.02 -12.05
C LYS B 375 28.44 2.15 -11.54
C1' UD1 C . -8.23 14.01 -8.00
C2' UD1 C . -7.77 12.53 -8.00
C3' UD1 C . -7.88 11.90 -9.38
C4' UD1 C . -9.25 12.18 -9.99
C5' UD1 C . -9.67 13.63 -9.88
C6' UD1 C . -11.13 13.82 -10.33
C7' UD1 C . -6.04 11.68 -6.47
C8' UD1 C . -4.58 11.35 -6.30
N2' UD1 C . -6.42 12.40 -7.55
O1' UD1 C . -7.28 14.77 -8.69
O3' UD1 C . -7.69 10.48 -9.33
O4' UD1 C . -9.30 11.80 -11.37
O5' UD1 C . -9.51 14.08 -8.54
O6' UD1 C . -11.39 15.20 -10.70
O7' UD1 C . -6.80 11.22 -5.69
N1 UD1 C . -10.17 21.77 -6.16
C2 UD1 C . -11.17 22.67 -5.81
N3 UD1 C . -12.46 22.25 -5.69
C4 UD1 C . -12.77 20.95 -5.88
C5 UD1 C . -11.81 20.08 -6.30
C6 UD1 C . -10.52 20.49 -6.42
O2 UD1 C . -10.87 23.88 -5.57
O4 UD1 C . -13.96 20.53 -5.74
C1B UD1 C . -8.78 22.26 -6.32
C2B UD1 C . -8.15 22.55 -4.92
O2' UD1 C . -7.18 23.57 -4.99
C3B UD1 C . -7.50 21.21 -4.54
C4B UD1 C . -7.47 20.53 -5.88
O4B UD1 C . -7.97 21.30 -6.97
O3B UD1 C . -6.32 21.21 -3.71
C5B UD1 C . -6.46 19.47 -6.29
O5B UD1 C . -7.48 18.52 -5.94
PA UD1 C . -7.01 17.02 -5.77
O1A UD1 C . -5.85 17.14 -4.83
O2A UD1 C . -8.27 16.27 -5.45
O3A UD1 C . -6.47 16.57 -7.20
PB UD1 C . -7.29 16.35 -8.55
O1B UD1 C . -6.30 16.77 -9.65
O2B UD1 C . -8.67 16.90 -8.43
N1 UDP D . -18.09 14.89 -15.37
C2 UDP D . -19.09 15.76 -15.02
N3 UDP D . -18.94 17.12 -15.28
C4 UDP D . -17.79 17.59 -15.87
C5 UDP D . -16.78 16.70 -16.23
C6 UDP D . -16.95 15.33 -15.98
O2 UDP D . -20.13 15.35 -14.45
O4 UDP D . -17.71 18.79 -16.10
C1' UDP D . -18.23 13.45 -15.02
C2' UDP D . -17.98 12.39 -16.09
O2' UDP D . -19.16 12.04 -16.80
C3' UDP D . -17.52 11.22 -15.23
C4' UDP D . -16.81 11.87 -14.06
O4' UDP D . -17.31 13.20 -13.94
O3' UDP D . -18.58 10.39 -14.75
C5' UDP D . -15.34 11.79 -14.32
O5' UDP D . -14.71 12.55 -13.38
PA UDP D . -13.21 13.11 -13.65
O1A UDP D . -13.14 14.34 -12.83
O2A UDP D . -12.96 13.20 -15.14
O3A UDP D . -12.18 12.10 -12.92
PB UDP D . -11.63 10.72 -13.40
O1B UDP D . -10.59 10.99 -14.44
O2B UDP D . -11.17 10.06 -12.12
O3B UDP D . -12.69 9.86 -14.00
C1' UD1 E . 7.71 -2.56 16.10
C2' UD1 E . 7.37 -3.09 14.70
C3' UD1 E . 7.59 -4.58 14.60
C4' UD1 E . 8.94 -5.01 15.16
C5' UD1 E . 9.25 -4.34 16.50
C6' UD1 E . 10.73 -4.51 16.82
C7' UD1 E . 5.54 -1.97 13.43
C8' UD1 E . 4.07 -1.70 13.18
N2' UD1 E . 5.95 -2.80 14.44
O1' UD1 E . 6.74 -3.01 17.03
O3' UD1 E . 7.44 -5.00 13.23
O4' UD1 E . 9.03 -6.45 15.20
O5' UD1 E . 9.04 -2.95 16.48
O6' UD1 E . 10.91 -4.54 18.21
O7' UD1 E . 6.32 -1.42 12.73
N1 UD1 E . 9.14 1.71 23.02
C2 UD1 E . 10.06 2.46 23.78
N3 UD1 E . 11.34 2.53 23.37
C4 UD1 E . 11.77 1.94 22.24
C5 UD1 E . 10.89 1.20 21.46
C6 UD1 E . 9.58 1.09 21.85
O2 UD1 E . 9.65 3.02 24.84
O4 UD1 E . 12.96 2.08 21.87
C1B UD1 E . 7.73 1.66 23.48
C2B UD1 E . 7.03 3.03 23.26
O2' UD1 E . 6.03 3.36 24.22
C3B UD1 E . 6.44 2.96 21.83
C4B UD1 E . 6.52 1.49 21.56
O4B UD1 E . 7.04 0.73 22.66
O3B UD1 E . 5.24 3.67 21.58
C5B UD1 E . 5.48 0.75 20.74
O5B UD1 E . 6.50 0.64 19.75
PA UD1 E . 6.17 0.45 18.17
O1A UD1 E . 5.03 1.40 17.90
O2A UD1 E . 7.48 0.57 17.43
O3A UD1 E . 5.76 -1.11 18.24
PB UD1 E . 6.65 -2.38 18.53
O1B UD1 E . 5.80 -3.33 19.33
O2B UD1 E . 8.00 -1.91 19.07
N1 UDP F . 17.82 -8.56 19.75
C2 UDP F . 18.71 -7.86 20.52
N3 UDP F . 18.46 -7.67 21.89
C4 UDP F . 17.32 -8.19 22.51
C5 UDP F . 16.41 -8.89 21.68
C6 UDP F . 16.68 -9.10 20.33
O2 UDP F . 19.71 -7.39 19.93
O4 UDP F . 17.14 -8.02 23.72
C1' UDP F . 18.02 -8.69 18.29
C2' UDP F . 17.89 -10.06 17.65
O2' UDP F . 19.07 -10.83 17.70
C3' UDP F . 17.48 -9.66 16.23
C4' UDP F . 16.69 -8.41 16.42
O4' UDP F . 17.01 -7.88 17.69
O3' UDP F . 18.63 -9.45 15.45
C5' UDP F . 15.20 -8.67 16.28
O5' UDP F . 14.49 -7.62 16.83
PA UDP F . 12.97 -7.87 17.34
O1A UDP F . 12.75 -6.80 18.31
O2A UDP F . 12.86 -9.26 17.90
O3A UDP F . 11.91 -7.60 16.19
PB UDP F . 11.49 -8.56 14.98
O1B UDP F . 12.61 -9.39 14.47
O2B UDP F . 11.00 -7.63 13.89
O3B UDP F . 10.40 -9.46 15.45
#